data_6DK0
#
_entry.id   6DK0
#
_cell.length_a   85.556
_cell.length_b   126.062
_cell.length_c   109.702
_cell.angle_alpha   90.00
_cell.angle_beta   90.00
_cell.angle_gamma   90.00
#
_symmetry.space_group_name_H-M   'P 21 21 2'
#
loop_
_entity.id
_entity.type
_entity.pdbx_description
1 polymer 'Sigma non-opioid intracellular receptor 1'
2 non-polymer N-{2-[4-methoxy-3-(2-phenylethoxy)phenyl]ethyl}-N-propylpropan-1-amine
3 non-polymer 'SULFATE ION'
4 non-polymer GLYCEROL
5 non-polymer '(2R)-2,3-dihydroxypropyl (9Z)-octadec-9-enoate'
6 water water
#
_entity_poly.entity_id   1
_entity_poly.type   'polypeptide(L)'
_entity_poly.pdbx_seq_one_letter_code
;GPGSMQWAVGRRWAWAALLLAVAAVLTQVVWLWLGTQSFVFQREEIAQLARQYAGLDHELAFSRLIVELRRLHPGHVLPD
EELQWVFVNAGGWMGAMCLLHASLSEYVLLFGTALGSRGHSGRYWAEISDTIISGTFHQWREGTTKSEVFYPGETVVHGP
GEATAVEWGPNTWMVEYGRGVIPSTLAFALADTVFSTQDFLTLFYTLRSYARGLRLELTTYLFGQDP
;
_entity_poly.pdbx_strand_id   A,B,C
#
loop_
_chem_comp.id
_chem_comp.type
_chem_comp.name
_chem_comp.formula
GKY non-polymer N-{2-[4-methoxy-3-(2-phenylethoxy)phenyl]ethyl}-N-propylpropan-1-amine 'C23 H33 N O2'
GOL non-polymer GLYCEROL 'C3 H8 O3'
OLC non-polymer '(2R)-2,3-dihydroxypropyl (9Z)-octadec-9-enoate' 'C21 H40 O4'
SO4 non-polymer 'SULFATE ION' 'O4 S -2'
#
# COMPACT_ATOMS: atom_id res chain seq x y z
N ARG A 12 -14.37 -29.71 -44.81
CA ARG A 12 -13.76 -29.29 -43.55
C ARG A 12 -14.80 -28.66 -42.62
N TRP A 13 -16.04 -28.53 -43.12
CA TRP A 13 -17.10 -27.95 -42.31
C TRP A 13 -17.53 -28.89 -41.18
N ALA A 14 -17.39 -30.20 -41.38
CA ALA A 14 -17.70 -31.17 -40.35
C ALA A 14 -16.61 -31.29 -39.29
N TRP A 15 -15.41 -30.76 -39.56
CA TRP A 15 -14.36 -30.77 -38.55
C TRP A 15 -14.75 -29.93 -37.34
N ALA A 16 -15.40 -28.79 -37.58
CA ALA A 16 -15.88 -27.97 -36.48
C ALA A 16 -16.97 -28.69 -35.69
N ALA A 17 -17.84 -29.43 -36.39
CA ALA A 17 -18.86 -30.22 -35.70
C ALA A 17 -18.23 -31.29 -34.82
N LEU A 18 -17.21 -31.98 -35.33
CA LEU A 18 -16.54 -33.00 -34.52
C LEU A 18 -15.82 -32.38 -33.34
N LEU A 19 -15.17 -31.23 -33.54
CA LEU A 19 -14.49 -30.54 -32.45
C LEU A 19 -15.48 -30.17 -31.35
N LEU A 20 -16.59 -29.54 -31.72
CA LEU A 20 -17.58 -29.15 -30.73
C LEU A 20 -18.27 -30.36 -30.10
N ALA A 21 -18.36 -31.48 -30.83
CA ALA A 21 -18.92 -32.69 -30.24
C ALA A 21 -18.02 -33.23 -29.13
N VAL A 22 -16.73 -33.39 -29.44
CA VAL A 22 -15.78 -33.83 -28.41
C VAL A 22 -15.76 -32.84 -27.25
N ALA A 23 -15.85 -31.54 -27.55
CA ALA A 23 -15.85 -30.53 -26.51
C ALA A 23 -17.08 -30.65 -25.62
N ALA A 24 -18.25 -30.91 -26.22
CA ALA A 24 -19.47 -31.07 -25.45
C ALA A 24 -19.42 -32.30 -24.56
N VAL A 25 -18.88 -33.40 -25.07
CA VAL A 25 -18.78 -34.61 -24.25
C VAL A 25 -17.81 -34.38 -23.10
N LEU A 26 -16.68 -33.70 -23.37
CA LEU A 26 -15.72 -33.42 -22.30
C LEU A 26 -16.31 -32.49 -21.25
N THR A 27 -17.05 -31.46 -21.68
CA THR A 27 -17.69 -30.57 -20.72
C THR A 27 -18.76 -31.30 -19.91
N GLN A 28 -19.46 -32.25 -20.53
CA GLN A 28 -20.41 -33.06 -19.76
C GLN A 28 -19.69 -33.89 -18.71
N VAL A 29 -18.57 -34.50 -19.08
CA VAL A 29 -17.76 -35.25 -18.10
C VAL A 29 -17.35 -34.34 -16.94
N VAL A 30 -16.85 -33.15 -17.28
CA VAL A 30 -16.38 -32.21 -16.26
C VAL A 30 -17.52 -31.79 -15.35
N TRP A 31 -18.70 -31.52 -15.92
CA TRP A 31 -19.84 -31.11 -15.13
C TRP A 31 -20.28 -32.21 -14.17
N LEU A 32 -20.37 -33.45 -14.69
CA LEU A 32 -20.76 -34.56 -13.82
C LEU A 32 -19.74 -34.77 -12.71
N TRP A 33 -18.45 -34.59 -13.02
CA TRP A 33 -17.43 -34.78 -11.99
C TRP A 33 -17.49 -33.67 -10.94
N LEU A 34 -17.67 -32.43 -11.37
CA LEU A 34 -17.78 -31.32 -10.42
C LEU A 34 -19.00 -31.47 -9.54
N GLY A 35 -20.09 -32.00 -10.07
CA GLY A 35 -21.30 -32.18 -9.28
C GLY A 35 -21.20 -33.30 -8.28
N THR A 36 -20.53 -34.39 -8.65
CA THR A 36 -20.46 -35.60 -7.83
C THR A 36 -19.23 -35.63 -6.94
N GLN A 37 -18.56 -34.49 -6.76
CA GLN A 37 -17.36 -34.43 -5.93
C GLN A 37 -17.74 -34.14 -4.49
N SER A 38 -17.11 -34.87 -3.57
CA SER A 38 -17.29 -34.64 -2.14
C SER A 38 -16.11 -33.84 -1.59
N PHE A 39 -16.25 -33.40 -0.35
CA PHE A 39 -15.25 -32.57 0.30
C PHE A 39 -14.50 -33.38 1.34
N VAL A 40 -13.17 -33.19 1.36
CA VAL A 40 -12.33 -33.94 2.30
C VAL A 40 -12.64 -33.54 3.73
N PHE A 41 -12.76 -32.23 3.99
CA PHE A 41 -12.93 -31.72 5.34
C PHE A 41 -14.33 -31.15 5.53
N GLN A 42 -14.67 -30.91 6.79
CA GLN A 42 -15.90 -30.24 7.18
C GLN A 42 -15.55 -29.00 7.99
N ARG A 43 -16.41 -27.99 7.91
CA ARG A 43 -16.13 -26.73 8.60
C ARG A 43 -16.04 -26.94 10.12
N GLU A 44 -17.00 -27.68 10.68
CA GLU A 44 -16.99 -27.92 12.11
C GLU A 44 -15.78 -28.76 12.54
N GLU A 45 -15.31 -29.65 11.67
CA GLU A 45 -14.13 -30.44 11.98
C GLU A 45 -12.91 -29.56 12.20
N ILE A 46 -12.61 -28.70 11.22
CA ILE A 46 -11.49 -27.78 11.34
C ILE A 46 -11.69 -26.85 12.54
N ALA A 47 -12.92 -26.37 12.72
CA ALA A 47 -13.20 -25.45 13.82
C ALA A 47 -12.91 -26.09 15.17
N GLN A 48 -13.39 -27.32 15.38
CA GLN A 48 -13.18 -28.00 16.65
C GLN A 48 -11.72 -28.36 16.86
N LEU A 49 -11.03 -28.79 15.81
CA LEU A 49 -9.61 -29.09 15.94
C LEU A 49 -8.82 -27.85 16.32
N ALA A 50 -9.14 -26.70 15.73
CA ALA A 50 -8.43 -25.47 16.09
C ALA A 50 -8.84 -24.95 17.45
N ARG A 51 -10.06 -25.27 17.89
CA ARG A 51 -10.53 -24.82 19.19
C ARG A 51 -9.92 -25.63 20.32
N GLN A 52 -9.66 -26.92 20.10
CA GLN A 52 -9.04 -27.74 21.14
C GLN A 52 -7.65 -27.24 21.50
N TYR A 53 -6.91 -26.69 20.54
CA TYR A 53 -5.53 -26.28 20.73
C TYR A 53 -5.37 -24.78 20.96
N ALA A 54 -6.47 -24.04 21.11
CA ALA A 54 -6.36 -22.59 21.24
C ALA A 54 -5.67 -22.21 22.54
N GLY A 55 -5.73 -23.07 23.56
CA GLY A 55 -5.08 -22.80 24.82
C GLY A 55 -3.57 -23.02 24.82
N LEU A 56 -3.04 -23.66 23.80
CA LEU A 56 -1.61 -23.92 23.69
C LEU A 56 -0.91 -22.78 22.97
N ASP A 57 0.40 -22.67 23.19
CA ASP A 57 1.18 -21.71 22.43
C ASP A 57 1.10 -22.05 20.95
N HIS A 58 1.06 -21.00 20.12
CA HIS A 58 0.64 -21.19 18.73
C HIS A 58 1.55 -22.14 17.96
N GLU A 59 2.84 -22.20 18.31
CA GLU A 59 3.73 -23.14 17.66
C GLU A 59 3.29 -24.58 17.92
N LEU A 60 3.13 -24.92 19.21
CA LEU A 60 2.72 -26.28 19.58
C LEU A 60 1.31 -26.58 19.09
N ALA A 61 0.43 -25.57 19.09
CA ALA A 61 -0.93 -25.78 18.58
C ALA A 61 -0.90 -26.09 17.08
N PHE A 62 -0.10 -25.34 16.32
CA PHE A 62 0.07 -25.63 14.90
C PHE A 62 0.58 -27.06 14.69
N SER A 63 1.60 -27.45 15.46
CA SER A 63 2.18 -28.78 15.28
C SER A 63 1.15 -29.87 15.58
N ARG A 64 0.46 -29.74 16.71
CA ARG A 64 -0.55 -30.73 17.08
C ARG A 64 -1.66 -30.81 16.03
N LEU A 65 -2.13 -29.66 15.55
CA LEU A 65 -3.19 -29.65 14.57
C LEU A 65 -2.75 -30.28 13.25
N ILE A 66 -1.50 -30.03 12.85
CA ILE A 66 -0.99 -30.64 11.62
C ILE A 66 -0.93 -32.16 11.77
N VAL A 67 -0.42 -32.64 12.91
CA VAL A 67 -0.34 -34.10 13.11
C VAL A 67 -1.74 -34.70 13.11
N GLU A 68 -2.70 -34.04 13.76
CA GLU A 68 -4.05 -34.58 13.84
C GLU A 68 -4.74 -34.58 12.48
N LEU A 69 -4.52 -33.52 11.68
CA LEU A 69 -5.09 -33.50 10.34
C LEU A 69 -4.46 -34.57 9.47
N ARG A 70 -3.17 -34.83 9.65
CA ARG A 70 -2.52 -35.91 8.90
C ARG A 70 -3.11 -37.25 9.25
N ARG A 71 -3.37 -37.50 10.54
CA ARG A 71 -3.91 -38.80 10.93
C ARG A 71 -5.39 -38.94 10.65
N LEU A 72 -6.13 -37.84 10.51
CA LEU A 72 -7.56 -37.91 10.21
C LEU A 72 -7.84 -38.03 8.71
N HIS A 73 -6.95 -37.52 7.87
CA HIS A 73 -7.12 -37.59 6.41
C HIS A 73 -5.76 -37.81 5.76
N PRO A 74 -5.30 -39.05 5.71
CA PRO A 74 -4.00 -39.32 5.10
C PRO A 74 -4.05 -39.09 3.59
N GLY A 75 -2.95 -38.57 3.05
CA GLY A 75 -2.88 -38.22 1.64
C GLY A 75 -3.50 -36.89 1.29
N HIS A 76 -3.85 -36.07 2.27
CA HIS A 76 -4.44 -34.76 2.02
C HIS A 76 -3.73 -33.63 2.73
N VAL A 77 -2.63 -33.91 3.42
CA VAL A 77 -1.85 -32.88 4.11
C VAL A 77 -0.41 -32.97 3.60
N LEU A 78 0.14 -31.82 3.23
CA LEU A 78 1.48 -31.77 2.67
C LEU A 78 2.51 -32.26 3.68
N PRO A 79 3.58 -32.90 3.23
CA PRO A 79 4.63 -33.36 4.14
C PRO A 79 5.45 -32.19 4.68
N ASP A 80 6.26 -32.48 5.70
CA ASP A 80 7.06 -31.44 6.33
C ASP A 80 8.05 -30.82 5.35
N GLU A 81 8.49 -31.58 4.34
CA GLU A 81 9.45 -31.05 3.38
C GLU A 81 8.83 -30.00 2.48
N GLU A 82 7.50 -29.94 2.39
CA GLU A 82 6.80 -28.98 1.55
C GLU A 82 6.01 -27.95 2.36
N LEU A 83 6.14 -27.97 3.68
CA LEU A 83 5.50 -26.96 4.52
C LEU A 83 6.40 -25.74 4.60
N GLN A 84 5.86 -24.58 4.25
CA GLN A 84 6.64 -23.36 4.22
C GLN A 84 5.77 -22.18 4.62
N TRP A 85 6.29 -21.33 5.52
CA TRP A 85 5.65 -20.06 5.81
C TRP A 85 5.97 -19.07 4.70
N VAL A 86 4.93 -18.42 4.18
CA VAL A 86 5.09 -17.43 3.12
C VAL A 86 4.29 -16.19 3.48
N PHE A 87 4.91 -15.02 3.31
CA PHE A 87 4.22 -13.75 3.55
C PHE A 87 3.09 -13.57 2.54
N VAL A 88 2.09 -12.78 2.94
CA VAL A 88 0.92 -12.51 2.11
C VAL A 88 0.56 -11.06 2.30
N ASN A 89 0.71 -10.25 1.25
CA ASN A 89 0.31 -8.86 1.25
C ASN A 89 -0.92 -8.73 0.36
N ALA A 90 -2.05 -8.34 0.95
CA ALA A 90 -3.30 -8.25 0.21
C ALA A 90 -4.23 -7.27 0.91
N GLY A 91 -4.98 -6.51 0.11
CA GLY A 91 -5.96 -5.57 0.63
C GLY A 91 -5.41 -4.56 1.61
N GLY A 92 -4.11 -4.25 1.51
CA GLY A 92 -3.47 -3.32 2.40
C GLY A 92 -2.89 -3.94 3.66
N TRP A 93 -3.25 -5.17 3.98
CA TRP A 93 -2.71 -5.85 5.16
C TRP A 93 -1.62 -6.83 4.76
N MET A 94 -0.85 -7.25 5.77
CA MET A 94 0.27 -8.17 5.57
C MET A 94 0.27 -9.21 6.68
N GLY A 95 0.10 -10.46 6.30
CA GLY A 95 0.23 -11.56 7.23
C GLY A 95 1.15 -12.63 6.68
N ALA A 96 1.07 -13.84 7.24
CA ALA A 96 1.83 -14.98 6.75
C ALA A 96 0.95 -16.22 6.85
N MET A 97 1.13 -17.12 5.89
CA MET A 97 0.34 -18.34 5.84
C MET A 97 1.22 -19.54 5.54
N CYS A 98 0.77 -20.69 6.02
CA CYS A 98 1.36 -22.00 5.74
C CYS A 98 0.25 -22.91 5.26
N LEU A 99 0.37 -23.40 4.02
CA LEU A 99 -0.69 -24.17 3.38
C LEU A 99 -0.57 -25.64 3.76
N LEU A 100 -1.63 -26.21 4.31
CA LEU A 100 -1.68 -27.62 4.65
C LEU A 100 -2.36 -28.46 3.59
N HIS A 101 -3.38 -27.91 2.93
CA HIS A 101 -4.18 -28.63 1.95
C HIS A 101 -4.80 -27.62 1.01
N ALA A 102 -4.87 -27.96 -0.28
CA ALA A 102 -5.41 -27.05 -1.27
C ALA A 102 -5.81 -27.82 -2.50
N SER A 103 -7.09 -27.75 -2.86
CA SER A 103 -7.57 -28.27 -4.13
C SER A 103 -8.20 -27.14 -4.92
N LEU A 104 -9.01 -27.47 -5.92
CA LEU A 104 -9.77 -26.45 -6.65
C LEU A 104 -11.06 -26.08 -5.97
N SER A 105 -11.41 -26.74 -4.86
CA SER A 105 -12.65 -26.47 -4.14
C SER A 105 -12.46 -26.26 -2.64
N GLU A 106 -11.30 -26.60 -2.09
CA GLU A 106 -11.07 -26.47 -0.66
C GLU A 106 -9.64 -26.03 -0.40
N TYR A 107 -9.42 -25.47 0.78
CA TYR A 107 -8.07 -25.22 1.25
C TYR A 107 -8.08 -25.14 2.78
N VAL A 108 -6.97 -25.56 3.37
CA VAL A 108 -6.72 -25.42 4.80
C VAL A 108 -5.35 -24.78 4.96
N LEU A 109 -5.26 -23.77 5.83
CA LEU A 109 -3.99 -23.11 6.05
C LEU A 109 -3.92 -22.59 7.47
N LEU A 110 -2.71 -22.20 7.86
CA LEU A 110 -2.47 -21.48 9.10
C LEU A 110 -2.10 -20.06 8.74
N PHE A 111 -2.81 -19.09 9.31
CA PHE A 111 -2.61 -17.69 8.97
C PHE A 111 -2.34 -16.89 10.23
N GLY A 112 -1.67 -15.75 10.06
CA GLY A 112 -1.56 -14.82 11.18
C GLY A 112 -0.56 -13.73 10.91
N THR A 113 -0.17 -13.06 12.00
CA THR A 113 0.78 -11.95 11.96
C THR A 113 1.33 -11.72 13.35
N ALA A 114 2.63 -11.46 13.43
CA ALA A 114 3.28 -11.13 14.69
C ALA A 114 3.21 -9.66 15.02
N LEU A 115 2.88 -8.81 14.05
CA LEU A 115 2.84 -7.37 14.25
C LEU A 115 1.43 -6.79 14.23
N GLY A 116 0.44 -7.57 13.84
CA GLY A 116 -0.88 -7.04 13.60
C GLY A 116 -0.98 -6.33 12.26
N SER A 117 -2.19 -6.27 11.72
CA SER A 117 -2.37 -5.69 10.40
C SER A 117 -3.84 -5.39 10.16
N ARG A 118 -4.11 -4.30 9.44
CA ARG A 118 -5.46 -3.89 9.10
C ARG A 118 -5.59 -3.77 7.59
N GLY A 119 -6.80 -3.99 7.10
CA GLY A 119 -7.04 -3.79 5.68
C GLY A 119 -8.35 -4.40 5.22
N HIS A 120 -8.39 -4.69 3.92
CA HIS A 120 -9.58 -5.20 3.25
C HIS A 120 -9.60 -6.72 3.34
N SER A 121 -10.77 -7.28 3.72
CA SER A 121 -10.87 -8.73 3.86
C SER A 121 -10.81 -9.43 2.51
N GLY A 122 -11.22 -8.76 1.45
CA GLY A 122 -11.32 -9.38 0.14
C GLY A 122 -12.75 -9.77 -0.19
N ARG A 123 -13.08 -9.70 -1.48
CA ARG A 123 -14.39 -10.05 -1.99
C ARG A 123 -14.23 -11.34 -2.79
N TYR A 124 -14.40 -12.47 -2.10
CA TYR A 124 -14.08 -13.78 -2.67
C TYR A 124 -15.31 -14.44 -3.28
N TRP A 125 -15.04 -15.45 -4.10
CA TRP A 125 -16.03 -16.40 -4.59
C TRP A 125 -16.10 -17.64 -3.72
N ALA A 126 -15.96 -17.50 -2.40
CA ALA A 126 -15.84 -18.65 -1.52
C ALA A 126 -16.27 -18.27 -0.11
N GLU A 127 -16.55 -19.30 0.69
CA GLU A 127 -16.85 -19.14 2.11
C GLU A 127 -15.61 -19.49 2.91
N ILE A 128 -15.22 -18.60 3.81
CA ILE A 128 -13.97 -18.73 4.56
C ILE A 128 -14.29 -18.82 6.04
N SER A 129 -13.59 -19.70 6.75
CA SER A 129 -13.80 -19.90 8.18
C SER A 129 -12.47 -19.81 8.90
N ASP A 130 -12.39 -18.91 9.88
CA ASP A 130 -11.16 -18.66 10.62
C ASP A 130 -11.41 -18.92 12.10
N THR A 131 -10.72 -19.91 12.66
CA THR A 131 -10.78 -20.21 14.08
C THR A 131 -9.51 -19.69 14.73
N ILE A 132 -9.66 -18.75 15.66
CA ILE A 132 -8.52 -18.03 16.21
C ILE A 132 -7.84 -18.89 17.26
N ILE A 133 -6.54 -19.12 17.08
CA ILE A 133 -5.76 -19.79 18.11
C ILE A 133 -5.26 -18.79 19.15
N SER A 134 -4.78 -17.63 18.70
CA SER A 134 -4.27 -16.62 19.61
C SER A 134 -4.49 -15.24 19.01
N GLY A 135 -4.49 -14.24 19.89
CA GLY A 135 -4.64 -12.86 19.46
C GLY A 135 -6.08 -12.38 19.43
N THR A 136 -6.37 -11.42 18.56
CA THR A 136 -7.72 -10.89 18.41
C THR A 136 -8.01 -10.71 16.92
N PHE A 137 -9.30 -10.70 16.59
CA PHE A 137 -9.72 -10.46 15.21
C PHE A 137 -10.90 -9.49 15.22
N HIS A 138 -10.67 -8.27 14.76
CA HIS A 138 -11.71 -7.26 14.67
C HIS A 138 -12.25 -7.25 13.25
N GLN A 139 -13.57 -7.42 13.13
CA GLN A 139 -14.26 -7.47 11.85
C GLN A 139 -15.27 -6.33 11.79
N TRP A 140 -15.23 -5.55 10.72
CA TRP A 140 -16.15 -4.45 10.49
C TRP A 140 -16.93 -4.76 9.22
N ARG A 141 -18.21 -5.07 9.39
CA ARG A 141 -19.04 -5.53 8.27
C ARG A 141 -19.54 -4.36 7.43
N GLU A 142 -19.69 -4.62 6.14
CA GLU A 142 -20.11 -3.59 5.19
C GLU A 142 -21.50 -3.07 5.54
N GLY A 143 -21.69 -1.76 5.39
CA GLY A 143 -22.95 -1.13 5.70
C GLY A 143 -23.16 -0.78 7.16
N THR A 144 -22.31 -1.26 8.05
CA THR A 144 -22.43 -1.00 9.47
C THR A 144 -21.42 0.07 9.90
N THR A 145 -21.65 0.62 11.09
CA THR A 145 -20.76 1.62 11.67
C THR A 145 -20.10 1.15 12.95
N LYS A 146 -20.26 -0.13 13.32
CA LYS A 146 -19.62 -0.70 14.48
C LYS A 146 -18.87 -1.96 14.06
N SER A 147 -18.00 -2.44 14.94
CA SER A 147 -17.18 -3.60 14.67
C SER A 147 -17.36 -4.65 15.78
N GLU A 148 -17.07 -5.89 15.43
CA GLU A 148 -17.10 -7.01 16.37
C GLU A 148 -15.69 -7.53 16.56
N VAL A 149 -15.48 -8.21 17.69
CA VAL A 149 -14.17 -8.75 18.04
C VAL A 149 -14.32 -10.22 18.37
N PHE A 150 -13.42 -11.04 17.84
CA PHE A 150 -13.37 -12.47 18.10
C PHE A 150 -12.05 -12.80 18.79
N TYR A 151 -12.12 -13.70 19.76
CA TYR A 151 -11.03 -14.08 20.64
C TYR A 151 -10.61 -15.53 20.40
N PRO A 152 -9.48 -15.96 20.97
CA PRO A 152 -9.02 -17.34 20.75
C PRO A 152 -10.10 -18.37 21.06
N GLY A 153 -10.23 -19.35 20.18
CA GLY A 153 -11.23 -20.37 20.28
C GLY A 153 -12.48 -20.12 19.45
N GLU A 154 -12.75 -18.86 19.10
CA GLU A 154 -13.93 -18.51 18.34
C GLU A 154 -13.67 -18.58 16.85
N THR A 155 -14.74 -18.74 16.09
CA THR A 155 -14.67 -18.86 14.64
C THR A 155 -15.47 -17.74 13.98
N VAL A 156 -14.87 -17.11 12.97
CA VAL A 156 -15.53 -16.08 12.18
C VAL A 156 -15.69 -16.61 10.76
N VAL A 157 -16.88 -16.40 10.19
CA VAL A 157 -17.20 -16.85 8.85
C VAL A 157 -17.36 -15.64 7.94
N HIS A 158 -16.69 -15.68 6.80
CA HIS A 158 -16.76 -14.67 5.76
C HIS A 158 -17.44 -15.31 4.57
N GLY A 159 -18.71 -14.94 4.32
CA GLY A 159 -19.47 -15.51 3.25
C GLY A 159 -19.01 -15.02 1.88
N PRO A 160 -19.39 -15.73 0.84
CA PRO A 160 -19.03 -15.30 -0.52
C PRO A 160 -19.72 -14.00 -0.87
N GLY A 161 -19.03 -13.18 -1.68
CA GLY A 161 -19.55 -11.89 -2.06
C GLY A 161 -19.58 -10.87 -0.94
N GLU A 162 -19.10 -11.20 0.25
CA GLU A 162 -19.05 -10.26 1.36
C GLU A 162 -17.68 -9.58 1.40
N ALA A 163 -17.68 -8.31 1.78
CA ALA A 163 -16.47 -7.54 1.97
C ALA A 163 -16.53 -6.88 3.33
N THR A 164 -15.46 -7.02 4.11
CA THR A 164 -15.39 -6.41 5.43
C THR A 164 -14.01 -5.77 5.60
N ALA A 165 -13.89 -4.94 6.64
CA ALA A 165 -12.60 -4.47 7.08
C ALA A 165 -12.11 -5.39 8.21
N VAL A 166 -10.81 -5.67 8.21
CA VAL A 166 -10.24 -6.61 9.16
C VAL A 166 -9.08 -5.96 9.89
N GLU A 167 -8.92 -6.32 11.17
CA GLU A 167 -7.82 -5.83 12.00
C GLU A 167 -7.36 -6.95 12.92
N TRP A 168 -6.14 -7.41 12.72
CA TRP A 168 -5.52 -8.38 13.61
C TRP A 168 -4.60 -7.65 14.58
N GLY A 169 -4.80 -7.87 15.87
CA GLY A 169 -3.93 -7.33 16.88
C GLY A 169 -2.57 -8.00 16.85
N PRO A 170 -1.62 -7.48 17.61
CA PRO A 170 -0.28 -8.07 17.62
C PRO A 170 -0.32 -9.53 18.06
N ASN A 171 0.45 -10.35 17.34
CA ASN A 171 0.61 -11.78 17.64
C ASN A 171 -0.74 -12.50 17.62
N THR A 172 -1.32 -12.53 16.42
CA THR A 172 -2.61 -13.14 16.17
C THR A 172 -2.45 -14.27 15.15
N TRP A 173 -2.93 -15.46 15.51
CA TRP A 173 -2.77 -16.65 14.69
C TRP A 173 -4.06 -17.45 14.71
N MET A 174 -4.39 -18.03 13.55
CA MET A 174 -5.67 -18.72 13.36
C MET A 174 -5.50 -19.83 12.32
N VAL A 175 -6.47 -20.73 12.30
CA VAL A 175 -6.56 -21.79 11.30
C VAL A 175 -7.71 -21.45 10.36
N GLU A 176 -7.44 -21.47 9.06
CA GLU A 176 -8.39 -21.05 8.05
C GLU A 176 -8.78 -22.24 7.18
N TYR A 177 -10.08 -22.37 6.93
CA TYR A 177 -10.64 -23.38 6.05
C TYR A 177 -11.54 -22.71 5.04
N GLY A 178 -11.14 -22.70 3.77
CA GLY A 178 -11.90 -22.06 2.72
C GLY A 178 -12.51 -23.08 1.77
N ARG A 179 -13.69 -22.76 1.24
CA ARG A 179 -14.44 -23.65 0.37
C ARG A 179 -15.14 -22.83 -0.71
N GLY A 180 -14.81 -23.11 -1.97
CA GLY A 180 -15.41 -22.40 -3.09
C GLY A 180 -14.57 -22.45 -4.35
N VAL A 181 -14.51 -21.34 -5.08
CA VAL A 181 -13.68 -21.25 -6.28
C VAL A 181 -12.33 -20.70 -5.82
N ILE A 182 -11.43 -21.63 -5.47
CA ILE A 182 -10.15 -21.23 -4.86
C ILE A 182 -9.28 -20.43 -5.81
N PRO A 183 -9.16 -20.75 -7.11
CA PRO A 183 -8.27 -19.95 -7.97
C PRO A 183 -8.65 -18.48 -8.07
N SER A 184 -9.87 -18.10 -7.72
CA SER A 184 -10.27 -16.70 -7.81
C SER A 184 -9.69 -15.86 -6.67
N THR A 185 -9.47 -16.45 -5.50
CA THR A 185 -8.88 -15.71 -4.40
C THR A 185 -7.42 -15.34 -4.68
N LEU A 186 -6.76 -16.03 -5.63
CA LEU A 186 -5.37 -15.73 -5.91
C LEU A 186 -5.19 -14.31 -6.45
N ALA A 187 -6.19 -13.78 -7.15
CA ALA A 187 -6.09 -12.43 -7.68
C ALA A 187 -6.00 -11.40 -6.56
N PHE A 188 -6.87 -11.53 -5.56
CA PHE A 188 -6.83 -10.61 -4.43
C PHE A 188 -5.61 -10.87 -3.55
N ALA A 189 -5.26 -12.14 -3.35
CA ALA A 189 -4.21 -12.46 -2.39
C ALA A 189 -2.83 -12.01 -2.88
N LEU A 190 -2.66 -11.80 -4.18
CA LEU A 190 -1.37 -11.43 -4.76
C LEU A 190 -1.38 -10.04 -5.38
N ALA A 191 -2.43 -9.25 -5.17
CA ALA A 191 -2.51 -7.92 -5.76
C ALA A 191 -1.44 -6.99 -5.18
N ASP A 192 -1.39 -6.89 -3.85
CA ASP A 192 -0.36 -6.08 -3.21
C ASP A 192 1.03 -6.65 -3.41
N THR A 193 1.14 -7.95 -3.67
CA THR A 193 2.44 -8.53 -4.00
C THR A 193 2.96 -8.02 -5.32
N VAL A 194 2.07 -7.72 -6.26
CA VAL A 194 2.46 -7.25 -7.58
C VAL A 194 2.60 -5.74 -7.61
N PHE A 195 1.66 -5.01 -7.00
CA PHE A 195 1.60 -3.56 -7.15
C PHE A 195 2.05 -2.79 -5.93
N SER A 196 2.29 -3.44 -4.80
CA SER A 196 2.71 -2.73 -3.59
C SER A 196 4.07 -3.18 -3.09
N THR A 197 4.34 -4.48 -3.04
CA THR A 197 5.60 -4.99 -2.51
C THR A 197 6.60 -5.36 -3.59
N GLN A 198 6.14 -5.68 -4.80
CA GLN A 198 7.00 -6.12 -5.89
C GLN A 198 7.86 -7.32 -5.47
N ASP A 199 7.29 -8.16 -4.61
CA ASP A 199 8.00 -9.32 -4.05
C ASP A 199 7.71 -10.53 -4.93
N PHE A 200 8.49 -10.64 -6.02
CA PHE A 200 8.29 -11.74 -6.95
C PHE A 200 8.71 -13.09 -6.36
N LEU A 201 9.68 -13.09 -5.46
CA LEU A 201 10.09 -14.33 -4.81
C LEU A 201 8.96 -14.89 -3.94
N THR A 202 8.28 -14.02 -3.19
CA THR A 202 7.14 -14.47 -2.40
C THR A 202 5.98 -14.92 -3.30
N LEU A 203 5.80 -14.25 -4.43
CA LEU A 203 4.81 -14.68 -5.41
C LEU A 203 5.10 -16.09 -5.88
N PHE A 204 6.36 -16.37 -6.22
CA PHE A 204 6.74 -17.71 -6.65
C PHE A 204 6.55 -18.73 -5.53
N TYR A 205 6.90 -18.36 -4.30
CA TYR A 205 6.68 -19.28 -3.17
C TYR A 205 5.20 -19.62 -3.02
N THR A 206 4.33 -18.62 -3.14
CA THR A 206 2.90 -18.86 -3.03
C THR A 206 2.40 -19.79 -4.13
N LEU A 207 2.79 -19.50 -5.38
CA LEU A 207 2.36 -20.33 -6.50
C LEU A 207 2.90 -21.75 -6.35
N ARG A 208 4.12 -21.90 -5.82
CA ARG A 208 4.70 -23.23 -5.67
C ARG A 208 3.99 -24.01 -4.57
N SER A 209 3.60 -23.34 -3.48
CA SER A 209 2.81 -24.01 -2.45
C SER A 209 1.48 -24.49 -3.02
N TYR A 210 0.82 -23.65 -3.80
CA TYR A 210 -0.44 -24.06 -4.43
C TYR A 210 -0.22 -25.26 -5.35
N ALA A 211 0.85 -25.22 -6.15
CA ALA A 211 1.14 -26.32 -7.07
C ALA A 211 1.45 -27.61 -6.32
N ARG A 212 2.18 -27.51 -5.21
CA ARG A 212 2.47 -28.69 -4.40
C ARG A 212 1.19 -29.29 -3.83
N GLY A 213 0.28 -28.44 -3.35
CA GLY A 213 -0.99 -28.95 -2.86
C GLY A 213 -1.80 -29.66 -3.94
N LEU A 214 -1.83 -29.06 -5.14
CA LEU A 214 -2.55 -29.69 -6.24
C LEU A 214 -1.90 -31.00 -6.65
N ARG A 215 -0.56 -31.05 -6.69
CA ARG A 215 0.15 -32.27 -7.00
C ARG A 215 -0.19 -33.37 -6.00
N LEU A 216 -0.16 -33.04 -4.70
CA LEU A 216 -0.50 -34.01 -3.67
C LEU A 216 -1.92 -34.55 -3.86
N GLU A 217 -2.89 -33.64 -4.09
CA GLU A 217 -4.27 -34.09 -4.24
C GLU A 217 -4.43 -34.97 -5.46
N LEU A 218 -3.77 -34.62 -6.56
CA LEU A 218 -3.88 -35.42 -7.79
C LEU A 218 -3.29 -36.81 -7.59
N THR A 219 -2.06 -36.87 -7.05
CA THR A 219 -1.43 -38.18 -6.86
C THR A 219 -2.20 -39.03 -5.86
N THR A 220 -2.81 -38.42 -4.84
CA THR A 220 -3.60 -39.19 -3.88
C THR A 220 -4.88 -39.70 -4.52
N TYR A 221 -5.51 -38.89 -5.38
CA TYR A 221 -6.70 -39.35 -6.08
C TYR A 221 -6.37 -40.46 -7.08
N LEU A 222 -5.15 -40.46 -7.62
CA LEU A 222 -4.78 -41.49 -8.59
C LEU A 222 -4.09 -42.70 -7.95
N PHE A 223 -3.44 -42.52 -6.80
CA PHE A 223 -2.72 -43.59 -6.13
C PHE A 223 -1.69 -44.26 -7.05
N SER B 4 72.29 -10.46 -38.10
CA SER B 4 71.40 -10.59 -36.96
C SER B 4 69.94 -10.43 -37.39
N MET B 5 69.52 -11.23 -38.37
CA MET B 5 68.15 -11.16 -38.85
C MET B 5 67.16 -11.75 -37.85
N GLN B 6 67.61 -12.58 -36.91
CA GLN B 6 66.73 -13.24 -35.97
C GLN B 6 66.28 -12.36 -34.81
N TRP B 7 66.82 -11.15 -34.68
CA TRP B 7 66.43 -10.24 -33.62
C TRP B 7 65.43 -9.18 -34.08
N ALA B 8 65.23 -9.04 -35.39
CA ALA B 8 64.32 -8.03 -35.90
C ALA B 8 62.86 -8.46 -35.73
N VAL B 9 61.98 -7.48 -35.67
CA VAL B 9 60.55 -7.69 -35.55
C VAL B 9 59.84 -6.80 -36.57
N GLY B 10 58.98 -7.40 -37.38
CA GLY B 10 58.22 -6.62 -38.35
C GLY B 10 57.31 -5.62 -37.69
N ARG B 11 56.94 -4.60 -38.47
CA ARG B 11 56.15 -3.50 -37.93
C ARG B 11 54.68 -3.86 -37.80
N ARG B 12 54.12 -4.58 -38.77
CA ARG B 12 52.70 -4.92 -38.73
C ARG B 12 52.40 -5.90 -37.60
N TRP B 13 53.24 -6.92 -37.44
CA TRP B 13 53.06 -7.85 -36.34
C TRP B 13 53.20 -7.13 -35.01
N ALA B 14 54.13 -6.18 -34.91
CA ALA B 14 54.31 -5.43 -33.67
C ALA B 14 53.08 -4.58 -33.36
N TRP B 15 52.51 -3.93 -34.38
CA TRP B 15 51.30 -3.14 -34.21
C TRP B 15 50.14 -4.01 -33.72
N ALA B 16 49.95 -5.17 -34.36
CA ALA B 16 48.86 -6.05 -33.95
C ALA B 16 49.11 -6.62 -32.55
N ALA B 17 50.36 -6.92 -32.22
CA ALA B 17 50.68 -7.44 -30.90
C ALA B 17 50.46 -6.40 -29.82
N LEU B 18 50.75 -5.14 -30.11
CA LEU B 18 50.47 -4.07 -29.15
C LEU B 18 48.98 -3.84 -29.01
N LEU B 19 48.21 -4.00 -30.09
CA LEU B 19 46.75 -3.95 -29.95
C LEU B 19 46.25 -5.07 -29.06
N LEU B 20 46.77 -6.29 -29.24
CA LEU B 20 46.40 -7.39 -28.35
C LEU B 20 46.81 -7.11 -26.91
N ALA B 21 47.97 -6.48 -26.73
CA ALA B 21 48.47 -6.19 -25.40
C ALA B 21 47.58 -5.18 -24.69
N VAL B 22 47.21 -4.10 -25.39
CA VAL B 22 46.33 -3.11 -24.76
C VAL B 22 44.94 -3.72 -24.53
N ALA B 23 44.49 -4.61 -25.41
CA ALA B 23 43.21 -5.28 -25.19
C ALA B 23 43.25 -6.08 -23.89
N ALA B 24 44.30 -6.88 -23.70
CA ALA B 24 44.41 -7.68 -22.49
C ALA B 24 44.56 -6.80 -21.25
N VAL B 25 45.41 -5.76 -21.34
CA VAL B 25 45.63 -4.89 -20.19
C VAL B 25 44.33 -4.19 -19.80
N LEU B 26 43.55 -3.75 -20.79
CA LEU B 26 42.28 -3.08 -20.48
C LEU B 26 41.26 -4.04 -19.91
N THR B 27 41.17 -5.25 -20.48
CA THR B 27 40.23 -6.24 -19.95
C THR B 27 40.62 -6.70 -18.56
N GLN B 28 41.88 -6.54 -18.16
CA GLN B 28 42.27 -6.94 -16.81
C GLN B 28 42.18 -5.78 -15.81
N VAL B 29 42.50 -4.55 -16.21
CA VAL B 29 42.38 -3.43 -15.28
C VAL B 29 40.94 -2.98 -15.12
N VAL B 30 40.05 -3.36 -16.03
CA VAL B 30 38.62 -3.12 -15.82
C VAL B 30 38.10 -4.00 -14.67
N TRP B 31 38.64 -5.20 -14.54
CA TRP B 31 38.23 -6.09 -13.46
C TRP B 31 38.59 -5.51 -12.10
N LEU B 32 39.82 -5.02 -11.96
CA LEU B 32 40.27 -4.43 -10.70
C LEU B 32 39.46 -3.22 -10.28
N TRP B 33 38.67 -2.63 -11.19
CA TRP B 33 37.76 -1.55 -10.78
C TRP B 33 36.76 -2.05 -9.74
N LEU B 34 36.39 -3.33 -9.81
CA LEU B 34 35.57 -3.90 -8.74
C LEU B 34 36.41 -4.27 -7.52
N GLY B 35 37.69 -4.57 -7.72
CA GLY B 35 38.56 -4.84 -6.60
C GLY B 35 39.07 -3.59 -5.92
N THR B 36 39.17 -2.49 -6.65
CA THR B 36 39.52 -1.19 -6.09
C THR B 36 38.29 -0.39 -5.67
N GLN B 37 37.18 -1.07 -5.37
CA GLN B 37 35.97 -0.37 -4.95
C GLN B 37 36.22 0.40 -3.66
N SER B 38 35.67 1.61 -3.60
CA SER B 38 35.87 2.50 -2.46
C SER B 38 34.51 3.07 -2.05
N PHE B 39 34.02 2.64 -0.88
CA PHE B 39 32.80 3.21 -0.32
C PHE B 39 33.13 4.47 0.46
N VAL B 40 32.31 5.50 0.30
CA VAL B 40 32.57 6.78 0.94
C VAL B 40 32.51 6.64 2.45
N PHE B 41 31.52 5.90 2.96
CA PHE B 41 31.34 5.69 4.38
C PHE B 41 31.61 4.24 4.73
N GLN B 42 32.28 4.02 5.86
CA GLN B 42 32.43 2.67 6.37
C GLN B 42 31.07 2.10 6.75
N ARG B 43 30.99 0.77 6.78
CA ARG B 43 29.69 0.11 6.95
C ARG B 43 29.09 0.41 8.31
N GLU B 44 29.88 0.31 9.37
CA GLU B 44 29.43 0.58 10.73
C GLU B 44 29.72 2.01 11.18
N GLU B 45 30.20 2.86 10.27
CA GLU B 45 30.51 4.23 10.68
C GLU B 45 29.26 5.07 10.85
N ILE B 46 28.27 4.88 9.96
CA ILE B 46 27.02 5.64 10.08
C ILE B 46 26.30 5.26 11.36
N ALA B 47 26.31 3.98 11.72
CA ALA B 47 25.62 3.54 12.93
C ALA B 47 26.32 4.05 14.18
N GLN B 48 27.66 3.94 14.22
CA GLN B 48 28.41 4.44 15.37
C GLN B 48 28.31 5.96 15.49
N LEU B 49 28.11 6.65 14.36
CA LEU B 49 27.94 8.09 14.38
C LEU B 49 26.56 8.48 14.90
N ALA B 50 25.51 7.77 14.46
CA ALA B 50 24.16 8.11 14.88
C ALA B 50 23.87 7.68 16.30
N ARG B 51 24.55 6.63 16.78
CA ARG B 51 24.34 6.19 18.16
C ARG B 51 24.80 7.23 19.17
N GLN B 52 25.63 8.20 18.75
CA GLN B 52 26.07 9.24 19.66
C GLN B 52 25.02 10.33 19.83
N TYR B 53 24.25 10.62 18.79
CA TYR B 53 23.25 11.68 18.82
C TYR B 53 21.86 11.19 19.18
N ALA B 54 21.70 9.89 19.49
CA ALA B 54 20.39 9.36 19.81
C ALA B 54 19.80 9.92 21.08
N GLY B 55 20.64 10.41 22.01
CA GLY B 55 20.13 10.92 23.27
C GLY B 55 19.36 12.22 23.11
N LEU B 56 19.72 13.03 22.11
CA LEU B 56 19.06 14.30 21.88
C LEU B 56 17.69 14.08 21.23
N ASP B 57 16.90 15.15 21.19
CA ASP B 57 15.71 15.16 20.36
C ASP B 57 16.11 15.07 18.88
N HIS B 58 15.23 14.47 18.08
CA HIS B 58 15.62 14.11 16.72
C HIS B 58 15.92 15.33 15.85
N GLU B 59 15.37 16.50 16.18
CA GLU B 59 15.66 17.71 15.41
C GLU B 59 17.12 18.13 15.58
N LEU B 60 17.52 18.45 16.81
CA LEU B 60 18.89 18.81 17.08
C LEU B 60 19.86 17.67 16.77
N ALA B 61 19.41 16.43 16.97
CA ALA B 61 20.23 15.27 16.61
C ALA B 61 20.52 15.26 15.12
N PHE B 62 19.48 15.44 14.29
CA PHE B 62 19.69 15.51 12.84
C PHE B 62 20.61 16.66 12.48
N SER B 63 20.41 17.83 13.09
CA SER B 63 21.23 18.99 12.74
C SER B 63 22.70 18.73 13.04
N ARG B 64 23.01 18.31 14.27
CA ARG B 64 24.40 18.07 14.65
C ARG B 64 25.01 16.91 13.88
N LEU B 65 24.21 15.89 13.55
CA LEU B 65 24.72 14.78 12.77
C LEU B 65 25.06 15.21 11.35
N ILE B 66 24.23 16.06 10.74
CA ILE B 66 24.54 16.56 9.41
C ILE B 66 25.79 17.43 9.45
N VAL B 67 25.94 18.25 10.50
CA VAL B 67 27.15 19.06 10.64
C VAL B 67 28.39 18.18 10.70
N GLU B 68 28.35 17.17 11.58
CA GLU B 68 29.50 16.29 11.73
C GLU B 68 29.76 15.47 10.46
N LEU B 69 28.71 15.08 9.75
CA LEU B 69 28.88 14.29 8.54
C LEU B 69 29.46 15.12 7.40
N ARG B 70 29.12 16.41 7.34
CA ARG B 70 29.78 17.29 6.38
C ARG B 70 31.24 17.54 6.77
N ARG B 71 31.50 17.67 8.07
CA ARG B 71 32.88 17.84 8.52
C ARG B 71 33.74 16.63 8.18
N LEU B 72 33.17 15.42 8.33
CA LEU B 72 33.95 14.21 8.12
C LEU B 72 34.12 13.85 6.65
N HIS B 73 33.12 14.13 5.82
CA HIS B 73 33.15 13.81 4.40
C HIS B 73 32.76 15.06 3.61
N PRO B 74 33.68 16.01 3.44
CA PRO B 74 33.36 17.22 2.68
C PRO B 74 33.09 16.90 1.21
N GLY B 75 32.12 17.62 0.64
CA GLY B 75 31.77 17.40 -0.74
C GLY B 75 30.99 16.14 -1.03
N HIS B 76 30.51 15.44 0.00
CA HIS B 76 29.74 14.23 -0.18
C HIS B 76 28.35 14.30 0.43
N VAL B 77 27.98 15.41 1.06
CA VAL B 77 26.67 15.60 1.68
C VAL B 77 26.01 16.81 1.03
N LEU B 78 24.73 16.67 0.72
CA LEU B 78 23.99 17.74 0.06
C LEU B 78 23.94 18.99 0.94
N PRO B 79 23.96 20.17 0.34
CA PRO B 79 23.94 21.41 1.12
C PRO B 79 22.55 21.70 1.67
N ASP B 80 22.50 22.69 2.57
CA ASP B 80 21.23 23.11 3.15
C ASP B 80 20.26 23.61 2.09
N GLU B 81 20.75 23.96 0.91
CA GLU B 81 19.88 24.45 -0.15
C GLU B 81 19.04 23.33 -0.76
N GLU B 82 19.52 22.09 -0.69
CA GLU B 82 18.86 20.96 -1.34
C GLU B 82 18.38 19.90 -0.36
N LEU B 83 18.43 20.16 0.93
CA LEU B 83 17.86 19.24 1.92
C LEU B 83 16.35 19.45 1.99
N GLN B 84 15.60 18.35 1.85
CA GLN B 84 14.15 18.44 1.75
C GLN B 84 13.50 17.17 2.29
N TRP B 85 12.58 17.33 3.23
CA TRP B 85 11.76 16.22 3.68
C TRP B 85 10.71 15.89 2.62
N VAL B 86 10.76 14.68 2.09
CA VAL B 86 9.77 14.23 1.13
C VAL B 86 9.11 12.95 1.64
N PHE B 87 7.85 12.76 1.29
CA PHE B 87 7.12 11.59 1.74
C PHE B 87 7.58 10.34 0.99
N VAL B 88 7.33 9.19 1.61
CA VAL B 88 7.66 7.89 1.04
C VAL B 88 6.48 6.96 1.30
N ASN B 89 5.96 6.36 0.24
CA ASN B 89 4.85 5.40 0.35
C ASN B 89 5.25 4.14 -0.40
N ALA B 90 5.42 3.04 0.33
CA ALA B 90 5.90 1.81 -0.30
C ALA B 90 5.55 0.61 0.57
N GLY B 91 5.25 -0.50 -0.09
CA GLY B 91 5.01 -1.77 0.58
C GLY B 91 3.83 -1.76 1.53
N GLY B 92 3.02 -0.71 1.47
CA GLY B 92 1.90 -0.55 2.38
C GLY B 92 2.15 0.38 3.54
N TRP B 93 3.38 0.86 3.72
CA TRP B 93 3.72 1.78 4.79
C TRP B 93 4.03 3.17 4.22
N MET B 94 4.05 4.15 5.13
CA MET B 94 4.26 5.54 4.77
C MET B 94 5.15 6.22 5.79
N GLY B 95 6.22 6.83 5.32
CA GLY B 95 7.11 7.61 6.16
C GLY B 95 7.64 8.84 5.44
N ALA B 96 8.75 9.39 5.91
CA ALA B 96 9.36 10.55 5.28
C ALA B 96 10.87 10.40 5.32
N MET B 97 11.52 10.89 4.27
CA MET B 97 12.96 10.80 4.12
C MET B 97 13.54 12.18 3.82
N CYS B 98 14.80 12.33 4.17
CA CYS B 98 15.63 13.48 3.80
C CYS B 98 16.96 12.92 3.35
N LEU B 99 17.26 13.04 2.06
CA LEU B 99 18.42 12.41 1.47
C LEU B 99 19.67 13.25 1.73
N LEU B 100 20.66 12.67 2.41
CA LEU B 100 21.91 13.37 2.70
C LEU B 100 23.00 13.04 1.69
N HIS B 101 23.07 11.80 1.24
CA HIS B 101 24.06 11.37 0.25
C HIS B 101 23.42 10.33 -0.65
N ALA B 102 23.78 10.36 -1.93
CA ALA B 102 23.18 9.44 -2.91
C ALA B 102 24.17 9.19 -4.04
N SER B 103 24.57 7.93 -4.20
CA SER B 103 25.38 7.51 -5.33
C SER B 103 24.76 6.28 -5.96
N LEU B 104 25.42 5.70 -6.97
CA LEU B 104 24.91 4.49 -7.61
C LEU B 104 25.14 3.24 -6.77
N SER B 105 26.00 3.30 -5.76
CA SER B 105 26.26 2.16 -4.90
C SER B 105 25.94 2.42 -3.43
N GLU B 106 25.81 3.67 -3.01
CA GLU B 106 25.56 4.02 -1.62
C GLU B 106 24.43 5.05 -1.55
N TYR B 107 23.77 5.08 -0.40
CA TYR B 107 22.87 6.18 -0.10
C TYR B 107 22.73 6.32 1.41
N VAL B 108 22.58 7.56 1.86
CA VAL B 108 22.36 7.89 3.26
C VAL B 108 21.17 8.83 3.35
N LEU B 109 20.27 8.56 4.30
CA LEU B 109 19.11 9.44 4.45
C LEU B 109 18.55 9.34 5.86
N LEU B 110 18.03 10.47 6.33
CA LEU B 110 17.20 10.45 7.53
C LEU B 110 15.82 9.94 7.15
N PHE B 111 15.21 9.14 8.02
CA PHE B 111 13.91 8.56 7.70
C PHE B 111 13.13 8.30 8.97
N GLY B 112 11.81 8.46 8.88
CA GLY B 112 10.97 8.15 10.01
C GLY B 112 9.50 8.42 9.76
N THR B 113 8.76 8.49 10.85
CA THR B 113 7.33 8.75 10.80
C THR B 113 6.86 9.26 12.16
N ALA B 114 5.98 10.25 12.13
CA ALA B 114 5.40 10.81 13.34
C ALA B 114 4.08 10.16 13.72
N LEU B 115 3.54 9.28 12.88
CA LEU B 115 2.29 8.58 13.17
C LEU B 115 2.45 7.09 13.37
N GLY B 116 3.55 6.50 12.91
CA GLY B 116 3.71 5.06 12.93
C GLY B 116 3.14 4.43 11.68
N SER B 117 3.69 3.30 11.24
CA SER B 117 3.24 2.68 10.01
C SER B 117 3.73 1.24 9.97
N ARG B 118 2.94 0.38 9.33
CA ARG B 118 3.26 -1.03 9.20
C ARG B 118 3.23 -1.43 7.74
N GLY B 119 4.00 -2.47 7.41
CA GLY B 119 3.91 -3.03 6.08
C GLY B 119 5.12 -3.89 5.74
N HIS B 120 5.37 -3.98 4.44
CA HIS B 120 6.39 -4.85 3.87
C HIS B 120 7.73 -4.13 3.77
N SER B 121 8.81 -4.84 4.10
CA SER B 121 10.13 -4.23 4.08
C SER B 121 10.68 -4.11 2.65
N GLY B 122 10.39 -5.10 1.81
CA GLY B 122 10.90 -5.13 0.45
C GLY B 122 12.08 -6.06 0.30
N ARG B 123 12.33 -6.45 -0.95
CA ARG B 123 13.45 -7.32 -1.29
C ARG B 123 14.40 -6.55 -2.21
N TYR B 124 15.48 -6.04 -1.64
CA TYR B 124 16.45 -5.23 -2.37
C TYR B 124 17.67 -6.05 -2.76
N TRP B 125 18.39 -5.55 -3.76
CA TRP B 125 19.74 -6.00 -4.04
C TRP B 125 20.75 -5.12 -3.31
N ALA B 126 20.51 -4.91 -2.01
CA ALA B 126 21.31 -4.00 -1.22
C ALA B 126 21.19 -4.36 0.25
N GLU B 127 22.17 -3.92 1.02
CA GLU B 127 22.19 -4.10 2.47
C GLU B 127 21.85 -2.77 3.14
N ILE B 128 20.84 -2.78 4.00
CA ILE B 128 20.27 -1.56 4.56
C ILE B 128 20.46 -1.57 6.06
N SER B 129 21.09 -0.52 6.59
CA SER B 129 21.28 -0.35 8.03
C SER B 129 20.45 0.84 8.50
N ASP B 130 19.71 0.64 9.60
CA ASP B 130 18.83 1.67 10.16
C ASP B 130 19.17 1.86 11.63
N THR B 131 19.77 2.99 11.96
CA THR B 131 20.16 3.31 13.33
C THR B 131 19.13 4.27 13.93
N ILE B 132 18.46 3.83 14.99
CA ILE B 132 17.32 4.55 15.54
C ILE B 132 17.81 5.72 16.39
N ILE B 133 17.30 6.92 16.10
CA ILE B 133 17.50 8.07 16.97
C ILE B 133 16.40 8.18 18.00
N SER B 134 15.16 7.90 17.60
CA SER B 134 14.04 7.95 18.53
C SER B 134 12.97 6.97 18.08
N GLY B 135 12.16 6.53 19.03
CA GLY B 135 11.05 5.66 18.72
C GLY B 135 11.37 4.18 18.84
N THR B 136 10.46 3.37 18.32
CA THR B 136 10.58 1.92 18.37
C THR B 136 10.46 1.33 16.97
N PHE B 137 11.19 0.25 16.75
CA PHE B 137 11.18 -0.47 15.48
C PHE B 137 10.82 -1.92 15.74
N HIS B 138 9.85 -2.45 15.00
CA HIS B 138 9.44 -3.84 15.16
C HIS B 138 9.70 -4.57 13.85
N GLN B 139 10.50 -5.63 13.91
CA GLN B 139 10.83 -6.44 12.74
C GLN B 139 10.34 -7.85 12.95
N TRP B 140 9.69 -8.40 11.92
CA TRP B 140 9.21 -9.78 11.91
C TRP B 140 9.86 -10.46 10.71
N ARG B 141 10.83 -11.33 10.97
CA ARG B 141 11.59 -11.96 9.89
C ARG B 141 10.75 -13.02 9.20
N GLU B 142 11.09 -13.29 7.95
CA GLU B 142 10.36 -14.27 7.16
C GLU B 142 10.59 -15.67 7.71
N GLY B 143 9.53 -16.48 7.73
CA GLY B 143 9.59 -17.84 8.22
C GLY B 143 9.32 -17.99 9.70
N THR B 144 9.51 -16.94 10.49
CA THR B 144 9.27 -17.00 11.92
C THR B 144 7.83 -16.60 12.25
N THR B 145 7.47 -16.79 13.51
CA THR B 145 6.18 -16.35 14.03
C THR B 145 6.34 -15.37 15.18
N LYS B 146 7.53 -14.80 15.35
CA LYS B 146 7.81 -13.84 16.41
C LYS B 146 8.47 -12.60 15.80
N SER B 147 8.55 -11.54 16.60
CA SER B 147 9.12 -10.28 16.15
C SER B 147 10.02 -9.72 17.24
N GLU B 148 11.04 -8.98 16.82
CA GLU B 148 11.95 -8.30 17.73
C GLU B 148 11.71 -6.80 17.68
N VAL B 149 12.07 -6.13 18.78
CA VAL B 149 11.89 -4.69 18.92
C VAL B 149 13.26 -4.05 19.15
N PHE B 150 13.46 -2.89 18.54
CA PHE B 150 14.70 -2.14 18.58
C PHE B 150 14.40 -0.72 19.06
N TYR B 151 15.28 -0.20 19.90
CA TYR B 151 15.09 1.07 20.60
C TYR B 151 16.13 2.07 20.15
N PRO B 152 16.05 3.35 20.56
CA PRO B 152 17.07 4.32 20.17
C PRO B 152 18.48 3.84 20.52
N GLY B 153 19.41 4.06 19.59
CA GLY B 153 20.79 3.66 19.73
C GLY B 153 21.12 2.36 19.01
N GLU B 154 20.14 1.48 18.85
CA GLU B 154 20.36 0.19 18.22
C GLU B 154 20.15 0.29 16.71
N THR B 155 20.78 -0.62 15.99
CA THR B 155 20.78 -0.60 14.53
C THR B 155 20.19 -1.90 14.00
N VAL B 156 19.21 -1.77 13.11
CA VAL B 156 18.62 -2.92 12.41
C VAL B 156 19.37 -3.11 11.11
N VAL B 157 19.91 -4.30 10.90
CA VAL B 157 20.60 -4.66 9.67
C VAL B 157 19.66 -5.51 8.82
N HIS B 158 19.59 -5.22 7.53
CA HIS B 158 18.68 -5.88 6.60
C HIS B 158 19.52 -6.31 5.40
N GLY B 159 19.80 -7.61 5.32
CA GLY B 159 20.64 -8.15 4.28
C GLY B 159 19.98 -8.13 2.93
N PRO B 160 20.76 -8.34 1.86
CA PRO B 160 20.18 -8.36 0.52
C PRO B 160 19.36 -9.62 0.29
N GLY B 161 18.22 -9.45 -0.37
CA GLY B 161 17.32 -10.55 -0.67
C GLY B 161 16.35 -10.91 0.44
N GLU B 162 16.60 -10.45 1.66
CA GLU B 162 15.71 -10.77 2.77
C GLU B 162 14.41 -9.98 2.66
N ALA B 163 13.36 -10.50 3.29
CA ALA B 163 12.06 -9.84 3.33
C ALA B 163 11.48 -9.99 4.71
N THR B 164 11.14 -8.87 5.34
CA THR B 164 10.58 -8.86 6.68
C THR B 164 9.31 -8.01 6.69
N ALA B 165 8.59 -8.07 7.81
CA ALA B 165 7.48 -7.17 8.08
C ALA B 165 7.94 -6.12 9.08
N VAL B 166 7.65 -4.86 8.79
CA VAL B 166 8.16 -3.76 9.59
C VAL B 166 7.00 -2.98 10.20
N GLU B 167 7.25 -2.46 11.41
CA GLU B 167 6.28 -1.61 12.11
C GLU B 167 7.03 -0.53 12.88
N TRP B 168 6.76 0.73 12.57
CA TRP B 168 7.29 1.86 13.32
C TRP B 168 6.19 2.43 14.20
N GLY B 169 6.50 2.65 15.47
CA GLY B 169 5.58 3.30 16.37
C GLY B 169 5.47 4.78 16.09
N PRO B 170 4.75 5.50 16.93
CA PRO B 170 4.66 6.96 16.75
C PRO B 170 5.99 7.63 17.06
N ASN B 171 6.35 8.60 16.22
CA ASN B 171 7.54 9.44 16.40
C ASN B 171 8.82 8.58 16.44
N THR B 172 9.02 7.84 15.36
CA THR B 172 10.24 7.06 15.16
C THR B 172 11.09 7.73 14.10
N TRP B 173 12.38 7.87 14.38
CA TRP B 173 13.31 8.56 13.51
C TRP B 173 14.67 7.89 13.57
N MET B 174 15.29 7.72 12.41
CA MET B 174 16.49 6.92 12.27
C MET B 174 17.31 7.47 11.10
N VAL B 175 18.59 7.14 11.09
CA VAL B 175 19.41 7.32 9.90
C VAL B 175 19.46 5.99 9.17
N GLU B 176 19.66 6.03 7.86
CA GLU B 176 19.64 4.83 7.05
C GLU B 176 20.78 4.88 6.04
N TYR B 177 21.55 3.80 6.01
CA TYR B 177 22.64 3.61 5.06
C TYR B 177 22.33 2.42 4.18
N GLY B 178 22.59 2.56 2.88
CA GLY B 178 22.31 1.50 1.94
C GLY B 178 23.43 1.28 0.95
N ARG B 179 23.86 0.03 0.82
CA ARG B 179 24.95 -0.38 -0.06
C ARG B 179 24.43 -1.44 -1.02
N GLY B 180 24.53 -1.17 -2.30
CA GLY B 180 24.15 -2.17 -3.28
C GLY B 180 23.68 -1.50 -4.57
N VAL B 181 22.67 -2.10 -5.18
CA VAL B 181 22.10 -1.58 -6.43
C VAL B 181 21.00 -0.61 -6.03
N ILE B 182 21.40 0.64 -5.79
CA ILE B 182 20.45 1.63 -5.28
C ILE B 182 19.29 1.90 -6.23
N PRO B 183 19.48 1.98 -7.56
CA PRO B 183 18.31 2.19 -8.42
C PRO B 183 17.24 1.12 -8.28
N SER B 184 17.63 -0.15 -8.13
CA SER B 184 16.64 -1.21 -7.97
C SER B 184 15.82 -1.01 -6.71
N THR B 185 16.43 -0.50 -5.64
CA THR B 185 15.69 -0.21 -4.43
C THR B 185 14.78 1.00 -4.62
N LEU B 186 15.25 2.01 -5.36
CA LEU B 186 14.39 3.12 -5.72
C LEU B 186 13.16 2.66 -6.50
N ALA B 187 13.30 1.58 -7.26
CA ALA B 187 12.15 1.01 -7.95
C ALA B 187 11.07 0.57 -6.96
N PHE B 188 11.48 -0.10 -5.87
CA PHE B 188 10.49 -0.54 -4.89
C PHE B 188 9.92 0.62 -4.09
N ALA B 189 10.78 1.55 -3.68
CA ALA B 189 10.36 2.64 -2.80
C ALA B 189 9.42 3.65 -3.48
N LEU B 190 8.97 3.40 -4.71
CA LEU B 190 8.02 4.28 -5.38
C LEU B 190 6.83 3.51 -5.94
N ALA B 191 6.59 2.29 -5.45
CA ALA B 191 5.51 1.46 -5.98
C ALA B 191 4.15 1.97 -5.51
N ASP B 192 3.97 2.10 -4.20
CA ASP B 192 2.71 2.62 -3.68
C ASP B 192 2.48 4.06 -4.10
N THR B 193 3.56 4.83 -4.27
CA THR B 193 3.41 6.20 -4.77
C THR B 193 2.77 6.22 -6.14
N VAL B 194 2.99 5.18 -6.94
CA VAL B 194 2.43 5.11 -8.28
C VAL B 194 1.04 4.48 -8.29
N PHE B 195 0.87 3.39 -7.56
CA PHE B 195 -0.36 2.59 -7.64
C PHE B 195 -1.29 2.76 -6.45
N SER B 196 -0.93 3.58 -5.46
CA SER B 196 -1.78 3.71 -4.28
C SER B 196 -2.07 5.18 -3.96
N THR B 197 -1.03 6.02 -3.96
CA THR B 197 -1.21 7.42 -3.59
C THR B 197 -1.34 8.36 -4.78
N GLN B 198 -0.75 8.01 -5.93
CA GLN B 198 -0.76 8.86 -7.12
C GLN B 198 -0.18 10.25 -6.83
N ASP B 199 0.78 10.32 -5.92
CA ASP B 199 1.41 11.59 -5.53
C ASP B 199 2.62 11.80 -6.43
N PHE B 200 2.36 12.29 -7.64
CA PHE B 200 3.42 12.47 -8.63
C PHE B 200 4.38 13.59 -8.23
N LEU B 201 3.90 14.56 -7.44
CA LEU B 201 4.80 15.59 -6.93
C LEU B 201 5.84 14.98 -6.00
N THR B 202 5.44 14.01 -5.18
CA THR B 202 6.39 13.30 -4.34
C THR B 202 7.36 12.48 -5.18
N LEU B 203 6.87 11.90 -6.28
CA LEU B 203 7.76 11.20 -7.21
C LEU B 203 8.82 12.13 -7.76
N PHE B 204 8.39 13.31 -8.22
CA PHE B 204 9.33 14.31 -8.72
C PHE B 204 10.32 14.72 -7.63
N TYR B 205 9.84 14.88 -6.40
CA TYR B 205 10.72 15.30 -5.31
C TYR B 205 11.80 14.26 -5.03
N THR B 206 11.41 12.98 -4.98
CA THR B 206 12.39 11.93 -4.72
C THR B 206 13.38 11.80 -5.86
N LEU B 207 12.90 11.82 -7.11
CA LEU B 207 13.80 11.75 -8.25
C LEU B 207 14.73 12.95 -8.31
N ARG B 208 14.25 14.14 -7.92
CA ARG B 208 15.09 15.33 -7.92
C ARG B 208 16.14 15.25 -6.81
N SER B 209 15.77 14.69 -5.64
CA SER B 209 16.77 14.47 -4.59
C SER B 209 17.85 13.52 -5.07
N TYR B 210 17.46 12.44 -5.75
CA TYR B 210 18.46 11.51 -6.30
C TYR B 210 19.34 12.21 -7.33
N ALA B 211 18.74 13.01 -8.20
CA ALA B 211 19.52 13.71 -9.23
C ALA B 211 20.49 14.69 -8.59
N ARG B 212 20.07 15.39 -7.53
CA ARG B 212 20.96 16.30 -6.83
C ARG B 212 22.11 15.55 -6.16
N GLY B 213 21.81 14.39 -5.56
CA GLY B 213 22.88 13.60 -4.97
C GLY B 213 23.88 13.12 -6.01
N LEU B 214 23.39 12.69 -7.17
CA LEU B 214 24.29 12.24 -8.23
C LEU B 214 25.11 13.38 -8.81
N ARG B 215 24.48 14.56 -8.97
CA ARG B 215 25.21 15.73 -9.43
C ARG B 215 26.30 16.11 -8.45
N LEU B 216 26.01 16.02 -7.15
CA LEU B 216 27.04 16.30 -6.14
C LEU B 216 28.17 15.29 -6.21
N GLU B 217 27.83 14.00 -6.34
CA GLU B 217 28.85 12.97 -6.39
C GLU B 217 29.69 13.04 -7.67
N LEU B 218 29.15 13.61 -8.74
CA LEU B 218 29.94 13.77 -9.95
C LEU B 218 30.79 15.04 -9.94
N THR B 219 30.24 16.15 -9.46
CA THR B 219 31.02 17.38 -9.36
C THR B 219 32.12 17.29 -8.32
N THR B 220 31.98 16.39 -7.34
CA THR B 220 33.05 16.15 -6.39
C THR B 220 34.17 15.33 -7.02
N TYR B 221 33.81 14.38 -7.88
CA TYR B 221 34.81 13.56 -8.56
C TYR B 221 35.61 14.36 -9.57
N LEU B 222 35.05 15.45 -10.10
CA LEU B 222 35.73 16.28 -11.08
C LEU B 222 36.41 17.50 -10.48
N PHE B 223 36.23 17.76 -9.19
CA PHE B 223 36.85 18.90 -8.53
C PHE B 223 36.95 18.68 -7.02
N GLN C 6 -8.44 43.26 -50.55
CA GLN C 6 -8.39 41.82 -50.30
C GLN C 6 -7.00 41.28 -50.60
N TRP C 7 -6.47 40.47 -49.68
CA TRP C 7 -5.18 39.83 -49.87
C TRP C 7 -5.17 38.51 -49.11
N ALA C 8 -4.18 37.67 -49.42
CA ALA C 8 -4.08 36.34 -48.85
C ALA C 8 -3.17 36.35 -47.62
N VAL C 9 -3.34 35.31 -46.81
CA VAL C 9 -2.52 35.09 -45.62
C VAL C 9 -1.75 33.80 -45.78
N GLY C 10 -0.55 33.76 -45.21
CA GLY C 10 0.32 32.62 -45.39
C GLY C 10 -0.18 31.37 -44.69
N ARG C 11 0.39 30.23 -45.10
CA ARG C 11 0.03 28.96 -44.48
C ARG C 11 0.50 28.90 -43.03
N ARG C 12 1.62 29.56 -42.71
CA ARG C 12 2.06 29.70 -41.34
C ARG C 12 1.61 31.02 -40.71
N TRP C 13 1.21 31.99 -41.52
CA TRP C 13 0.72 33.26 -41.00
C TRP C 13 -0.69 33.10 -40.43
N ALA C 14 -1.62 32.63 -41.25
CA ALA C 14 -2.99 32.41 -40.77
C ALA C 14 -3.03 31.33 -39.70
N TRP C 15 -2.06 30.41 -39.71
CA TRP C 15 -2.01 29.39 -38.66
C TRP C 15 -1.77 30.03 -37.29
N ALA C 16 -0.73 30.87 -37.19
CA ALA C 16 -0.47 31.56 -35.93
C ALA C 16 -1.57 32.56 -35.59
N ALA C 17 -2.17 33.18 -36.61
CA ALA C 17 -3.27 34.11 -36.35
C ALA C 17 -4.46 33.37 -35.74
N LEU C 18 -4.81 32.20 -36.27
CA LEU C 18 -5.88 31.41 -35.68
C LEU C 18 -5.50 30.86 -34.32
N LEU C 19 -4.22 30.55 -34.11
CA LEU C 19 -3.76 30.16 -32.78
C LEU C 19 -4.01 31.28 -31.78
N LEU C 20 -3.66 32.51 -32.14
CA LEU C 20 -3.92 33.65 -31.26
C LEU C 20 -5.41 33.88 -31.08
N ALA C 21 -6.20 33.66 -32.13
CA ALA C 21 -7.65 33.84 -32.03
C ALA C 21 -8.25 32.85 -31.04
N VAL C 22 -7.89 31.58 -31.17
CA VAL C 22 -8.42 30.58 -30.23
C VAL C 22 -7.85 30.80 -28.84
N ALA C 23 -6.64 31.36 -28.73
CA ALA C 23 -6.10 31.70 -27.42
C ALA C 23 -6.96 32.75 -26.74
N ALA C 24 -7.25 33.84 -27.45
CA ALA C 24 -8.12 34.89 -26.90
C ALA C 24 -9.48 34.32 -26.54
N VAL C 25 -10.08 33.56 -27.46
CA VAL C 25 -11.41 33.01 -27.22
C VAL C 25 -11.41 32.13 -25.97
N LEU C 26 -10.47 31.17 -25.90
CA LEU C 26 -10.45 30.23 -24.78
C LEU C 26 -10.14 30.93 -23.46
N THR C 27 -9.22 31.89 -23.46
CA THR C 27 -8.89 32.58 -22.21
C THR C 27 -10.07 33.39 -21.70
N GLN C 28 -10.69 34.18 -22.58
CA GLN C 28 -11.82 34.99 -22.13
C GLN C 28 -13.03 34.12 -21.80
N VAL C 29 -13.16 32.95 -22.43
CA VAL C 29 -14.26 32.06 -22.11
C VAL C 29 -14.03 31.39 -20.77
N VAL C 30 -12.78 31.03 -20.46
CA VAL C 30 -12.46 30.48 -19.14
C VAL C 30 -12.70 31.53 -18.06
N TRP C 31 -12.36 32.79 -18.36
CA TRP C 31 -12.63 33.86 -17.40
C TRP C 31 -14.13 34.06 -17.18
N LEU C 32 -14.90 34.01 -18.27
CA LEU C 32 -16.35 34.11 -18.15
C LEU C 32 -16.92 32.94 -17.35
N TRP C 33 -16.30 31.75 -17.51
CA TRP C 33 -16.72 30.58 -16.74
C TRP C 33 -16.47 30.79 -15.26
N LEU C 34 -15.25 31.21 -14.91
CA LEU C 34 -14.92 31.48 -13.51
C LEU C 34 -15.83 32.54 -12.92
N GLY C 35 -16.21 33.53 -13.73
CA GLY C 35 -17.08 34.58 -13.23
C GLY C 35 -18.47 34.08 -12.85
N THR C 36 -19.00 33.14 -13.64
CA THR C 36 -20.33 32.58 -13.40
C THR C 36 -20.32 31.39 -12.47
N GLN C 37 -19.17 31.03 -11.90
CA GLN C 37 -19.09 29.90 -10.99
C GLN C 37 -19.83 30.20 -9.70
N SER C 38 -20.75 29.33 -9.31
CA SER C 38 -21.50 29.46 -8.08
C SER C 38 -21.41 28.16 -7.30
N PHE C 39 -21.45 28.28 -5.98
CA PHE C 39 -21.32 27.14 -5.07
C PHE C 39 -22.55 27.03 -4.19
N VAL C 40 -23.07 25.80 -4.05
CA VAL C 40 -24.26 25.59 -3.23
C VAL C 40 -23.96 25.87 -1.77
N PHE C 41 -22.84 25.36 -1.28
CA PHE C 41 -22.45 25.51 0.12
C PHE C 41 -21.31 26.52 0.23
N GLN C 42 -21.33 27.31 1.30
CA GLN C 42 -20.28 28.28 1.52
C GLN C 42 -19.00 27.57 1.98
N ARG C 43 -17.91 28.34 2.05
CA ARG C 43 -16.60 27.75 2.33
C ARG C 43 -16.55 27.14 3.72
N GLU C 44 -17.31 27.68 4.67
CA GLU C 44 -17.29 27.20 6.05
C GLU C 44 -18.69 26.84 6.56
N GLU C 45 -19.66 26.70 5.65
CA GLU C 45 -21.03 26.41 6.06
C GLU C 45 -21.15 24.99 6.60
N ILE C 46 -20.60 24.01 5.87
CA ILE C 46 -20.70 22.61 6.28
C ILE C 46 -20.03 22.41 7.64
N ALA C 47 -18.88 23.04 7.85
CA ALA C 47 -18.17 22.89 9.12
C ALA C 47 -18.96 23.49 10.26
N GLN C 48 -19.49 24.71 10.08
CA GLN C 48 -20.29 25.35 11.11
C GLN C 48 -21.52 24.52 11.45
N LEU C 49 -22.14 23.91 10.44
CA LEU C 49 -23.33 23.11 10.68
C LEU C 49 -22.99 21.80 11.38
N ALA C 50 -21.88 21.16 10.98
CA ALA C 50 -21.52 19.87 11.54
C ALA C 50 -21.00 20.00 12.97
N ARG C 51 -20.38 21.13 13.31
CA ARG C 51 -19.89 21.30 14.67
C ARG C 51 -21.03 21.32 15.68
N GLN C 52 -22.24 21.69 15.25
CA GLN C 52 -23.37 21.74 16.16
C GLN C 52 -23.80 20.34 16.60
N TYR C 53 -23.59 19.34 15.76
CA TYR C 53 -24.01 17.98 16.05
C TYR C 53 -22.88 17.10 16.56
N ALA C 54 -21.65 17.60 16.60
CA ALA C 54 -20.54 16.82 17.12
C ALA C 54 -20.71 16.60 18.61
N GLY C 55 -20.23 15.43 19.08
CA GLY C 55 -20.34 15.03 20.46
C GLY C 55 -21.46 14.04 20.73
N LEU C 56 -22.49 14.04 19.89
CA LEU C 56 -23.58 13.09 20.02
C LEU C 56 -23.14 11.71 19.52
N ASP C 57 -24.05 10.75 19.61
CA ASP C 57 -23.84 9.47 18.93
C ASP C 57 -23.78 9.72 17.43
N HIS C 58 -22.77 9.14 16.76
CA HIS C 58 -22.52 9.49 15.37
C HIS C 58 -23.72 9.21 14.48
N GLU C 59 -24.51 8.17 14.80
CA GLU C 59 -25.71 7.88 14.04
C GLU C 59 -26.71 9.04 14.16
N LEU C 60 -26.98 9.47 15.40
CA LEU C 60 -27.92 10.55 15.62
C LEU C 60 -27.43 11.85 15.00
N ALA C 61 -26.14 12.13 15.12
CA ALA C 61 -25.57 13.33 14.51
C ALA C 61 -25.71 13.30 13.00
N PHE C 62 -25.43 12.15 12.38
CA PHE C 62 -25.57 12.02 10.94
C PHE C 62 -27.01 12.23 10.50
N SER C 63 -27.96 11.63 11.22
CA SER C 63 -29.37 11.78 10.85
C SER C 63 -29.82 13.24 10.95
N ARG C 64 -29.51 13.88 12.08
CA ARG C 64 -29.92 15.27 12.26
C ARG C 64 -29.24 16.20 11.26
N LEU C 65 -27.96 15.93 10.94
CA LEU C 65 -27.27 16.76 9.96
C LEU C 65 -27.86 16.58 8.56
N ILE C 66 -28.23 15.34 8.20
CA ILE C 66 -28.85 15.12 6.90
C ILE C 66 -30.19 15.86 6.81
N VAL C 67 -30.98 15.79 7.89
CA VAL C 67 -32.26 16.50 7.91
C VAL C 67 -32.03 18.01 7.76
N GLU C 68 -31.05 18.54 8.50
CA GLU C 68 -30.79 19.98 8.46
C GLU C 68 -30.28 20.40 7.08
N LEU C 69 -29.43 19.60 6.46
CA LEU C 69 -28.93 19.93 5.13
C LEU C 69 -30.04 19.88 4.09
N ARG C 70 -30.93 18.89 4.18
CA ARG C 70 -32.06 18.85 3.27
C ARG C 70 -32.99 20.05 3.48
N ARG C 71 -33.11 20.52 4.72
CA ARG C 71 -33.94 21.69 4.97
C ARG C 71 -33.28 22.96 4.44
N LEU C 72 -31.95 23.06 4.54
CA LEU C 72 -31.27 24.29 4.14
C LEU C 72 -31.01 24.36 2.64
N HIS C 73 -30.92 23.20 1.98
CA HIS C 73 -30.63 23.15 0.55
C HIS C 73 -31.45 22.03 -0.09
N PRO C 74 -32.73 22.28 -0.34
CA PRO C 74 -33.55 21.27 -1.02
C PRO C 74 -33.12 21.09 -2.47
N GLY C 75 -33.07 19.84 -2.91
CA GLY C 75 -32.64 19.51 -4.25
C GLY C 75 -31.16 19.34 -4.42
N HIS C 76 -30.38 19.42 -3.34
CA HIS C 76 -28.93 19.25 -3.39
C HIS C 76 -28.43 18.14 -2.48
N VAL C 77 -29.34 17.39 -1.86
CA VAL C 77 -28.98 16.29 -0.97
C VAL C 77 -29.67 15.03 -1.47
N LEU C 78 -28.92 13.94 -1.57
CA LEU C 78 -29.45 12.71 -2.14
C LEU C 78 -30.55 12.13 -1.25
N PRO C 79 -31.58 11.51 -1.83
CA PRO C 79 -32.66 10.93 -1.02
C PRO C 79 -32.18 9.73 -0.23
N ASP C 80 -33.04 9.27 0.69
CA ASP C 80 -32.68 8.14 1.54
C ASP C 80 -32.44 6.89 0.73
N GLU C 81 -33.27 6.64 -0.29
CA GLU C 81 -33.10 5.43 -1.09
C GLU C 81 -31.78 5.41 -1.86
N GLU C 82 -31.12 6.56 -1.99
CA GLU C 82 -29.83 6.63 -2.65
C GLU C 82 -28.67 6.84 -1.69
N LEU C 83 -28.94 6.90 -0.39
CA LEU C 83 -27.87 6.94 0.60
C LEU C 83 -27.39 5.53 0.90
N GLN C 84 -26.08 5.34 0.92
CA GLN C 84 -25.50 4.01 1.07
C GLN C 84 -24.08 4.14 1.59
N TRP C 85 -23.74 3.32 2.59
CA TRP C 85 -22.37 3.23 3.07
C TRP C 85 -21.57 2.34 2.13
N VAL C 86 -20.51 2.89 1.54
CA VAL C 86 -19.65 2.16 0.62
C VAL C 86 -18.21 2.32 1.11
N PHE C 87 -17.47 1.21 1.09
CA PHE C 87 -16.09 1.23 1.54
C PHE C 87 -15.22 2.09 0.61
N VAL C 88 -14.16 2.65 1.17
CA VAL C 88 -13.18 3.43 0.43
C VAL C 88 -11.80 2.92 0.80
N ASN C 89 -11.01 2.56 -0.19
CA ASN C 89 -9.63 2.14 0.02
C ASN C 89 -8.73 3.00 -0.85
N ALA C 90 -7.84 3.75 -0.22
CA ALA C 90 -6.98 4.67 -0.97
C ALA C 90 -5.80 5.08 -0.12
N GLY C 91 -4.67 5.33 -0.77
CA GLY C 91 -3.44 5.72 -0.10
C GLY C 91 -2.97 4.79 1.00
N GLY C 92 -3.41 3.53 0.98
CA GLY C 92 -3.06 2.59 2.00
C GLY C 92 -4.05 2.48 3.14
N TRP C 93 -4.96 3.43 3.27
CA TRP C 93 -5.96 3.43 4.33
C TRP C 93 -7.30 2.94 3.81
N MET C 94 -8.18 2.61 4.76
CA MET C 94 -9.51 2.11 4.45
C MET C 94 -10.52 2.72 5.42
N GLY C 95 -11.65 3.15 4.87
CA GLY C 95 -12.76 3.65 5.66
C GLY C 95 -14.08 3.40 4.95
N ALA C 96 -15.12 4.13 5.31
CA ALA C 96 -16.41 4.02 4.65
C ALA C 96 -16.99 5.42 4.50
N MET C 97 -17.68 5.63 3.38
CA MET C 97 -18.27 6.92 3.05
C MET C 97 -19.76 6.75 2.75
N CYS C 98 -20.47 7.85 2.93
CA CYS C 98 -21.89 7.96 2.54
C CYS C 98 -22.04 9.34 1.92
N LEU C 99 -22.26 9.38 0.61
CA LEU C 99 -22.28 10.63 -0.13
C LEU C 99 -23.65 11.31 0.02
N LEU C 100 -23.65 12.60 0.35
CA LEU C 100 -24.86 13.38 0.44
C LEU C 100 -25.03 14.37 -0.70
N HIS C 101 -23.93 14.81 -1.31
CA HIS C 101 -23.96 15.81 -2.36
C HIS C 101 -22.71 15.64 -3.21
N ALA C 102 -22.85 15.84 -4.52
CA ALA C 102 -21.71 15.71 -5.41
C ALA C 102 -22.02 16.42 -6.73
N SER C 103 -21.03 17.17 -7.21
CA SER C 103 -21.10 17.79 -8.53
C SER C 103 -19.71 17.68 -9.14
N LEU C 104 -19.42 18.53 -10.13
CA LEU C 104 -18.07 18.62 -10.68
C LEU C 104 -17.19 19.59 -9.91
N SER C 105 -17.76 20.38 -9.02
CA SER C 105 -17.00 21.37 -8.25
C SER C 105 -17.16 21.24 -6.75
N GLU C 106 -18.18 20.52 -6.25
CA GLU C 106 -18.41 20.39 -4.82
C GLU C 106 -18.77 18.95 -4.50
N TYR C 107 -18.59 18.58 -3.24
CA TYR C 107 -19.13 17.33 -2.73
C TYR C 107 -19.22 17.39 -1.21
N VAL C 108 -20.17 16.64 -0.66
CA VAL C 108 -20.39 16.52 0.78
C VAL C 108 -20.59 15.05 1.11
N LEU C 109 -19.97 14.58 2.19
CA LEU C 109 -20.13 13.18 2.55
C LEU C 109 -19.86 12.97 4.03
N LEU C 110 -20.49 11.93 4.57
CA LEU C 110 -20.13 11.41 5.88
C LEU C 110 -19.04 10.36 5.70
N PHE C 111 -18.00 10.43 6.53
CA PHE C 111 -16.87 9.52 6.38
C PHE C 111 -16.49 8.97 7.75
N GLY C 112 -15.87 7.80 7.75
CA GLY C 112 -15.29 7.33 8.99
C GLY C 112 -14.98 5.85 8.96
N THR C 113 -14.42 5.39 10.07
CA THR C 113 -14.01 4.01 10.23
C THR C 113 -14.26 3.56 11.67
N ALA C 114 -14.67 2.31 11.82
CA ALA C 114 -14.88 1.72 13.14
C ALA C 114 -13.62 1.06 13.68
N LEU C 115 -12.61 0.83 12.84
CA LEU C 115 -11.37 0.20 13.27
C LEU C 115 -10.19 1.16 13.36
N GLY C 116 -10.29 2.34 12.76
CA GLY C 116 -9.15 3.19 12.59
C GLY C 116 -8.28 2.77 11.42
N SER C 117 -7.53 3.73 10.89
CA SER C 117 -6.72 3.48 9.70
C SER C 117 -5.62 4.53 9.62
N ARG C 118 -4.64 4.27 8.77
CA ARG C 118 -3.53 5.19 8.54
C ARG C 118 -3.16 5.14 7.06
N GLY C 119 -2.78 6.29 6.50
CA GLY C 119 -2.33 6.30 5.12
C GLY C 119 -2.09 7.69 4.59
N HIS C 120 -2.01 7.76 3.26
CA HIS C 120 -1.75 9.00 2.54
C HIS C 120 -3.04 9.75 2.32
N SER C 121 -3.03 11.05 2.60
CA SER C 121 -4.25 11.84 2.45
C SER C 121 -4.61 12.07 0.98
N GLY C 122 -3.62 12.05 0.10
CA GLY C 122 -3.86 12.34 -1.30
C GLY C 122 -3.58 13.78 -1.64
N ARG C 123 -3.02 14.03 -2.82
CA ARG C 123 -2.72 15.38 -3.29
C ARG C 123 -3.73 15.74 -4.36
N TYR C 124 -4.66 16.63 -4.03
CA TYR C 124 -5.78 16.96 -4.90
C TYR C 124 -5.64 18.36 -5.46
N TRP C 125 -6.40 18.61 -6.53
CA TRP C 125 -6.67 19.97 -7.00
C TRP C 125 -7.97 20.49 -6.41
N ALA C 126 -8.09 20.42 -5.08
CA ALA C 126 -9.31 20.78 -4.39
C ALA C 126 -8.98 21.04 -2.92
N GLU C 127 -9.82 21.87 -2.30
CA GLU C 127 -9.70 22.21 -0.89
C GLU C 127 -10.78 21.45 -0.12
N ILE C 128 -10.36 20.68 0.89
CA ILE C 128 -11.23 19.71 1.54
C ILE C 128 -11.22 19.94 3.04
N SER C 129 -12.40 20.12 3.63
CA SER C 129 -12.54 20.34 5.06
C SER C 129 -13.24 19.15 5.71
N ASP C 130 -12.71 18.70 6.86
CA ASP C 130 -13.22 17.56 7.59
C ASP C 130 -13.58 17.99 9.01
N THR C 131 -14.86 17.98 9.34
CA THR C 131 -15.32 18.31 10.69
C THR C 131 -15.61 17.02 11.44
N ILE C 132 -14.99 16.85 12.60
CA ILE C 132 -15.02 15.59 13.32
C ILE C 132 -16.27 15.51 14.17
N ILE C 133 -17.04 14.44 14.00
CA ILE C 133 -18.19 14.18 14.87
C ILE C 133 -17.78 13.36 16.08
N SER C 134 -16.93 12.35 15.88
CA SER C 134 -16.48 11.51 16.98
C SER C 134 -15.13 10.90 16.61
N GLY C 135 -14.39 10.49 17.64
CA GLY C 135 -13.11 9.83 17.43
C GLY C 135 -11.94 10.79 17.49
N THR C 136 -10.83 10.43 16.83
CA THR C 136 -9.64 11.27 16.78
C THR C 136 -9.10 11.29 15.36
N PHE C 137 -8.45 12.40 15.01
CA PHE C 137 -7.85 12.58 13.69
C PHE C 137 -6.43 13.08 13.89
N HIS C 138 -5.45 12.27 13.55
CA HIS C 138 -4.05 12.65 13.61
C HIS C 138 -3.57 13.04 12.22
N GLN C 139 -3.00 14.23 12.10
CA GLN C 139 -2.50 14.77 10.84
C GLN C 139 -1.00 15.03 10.95
N TRP C 140 -0.28 14.65 9.91
CA TRP C 140 1.17 14.87 9.81
C TRP C 140 1.43 15.64 8.53
N ARG C 141 1.76 16.92 8.65
CA ARG C 141 1.92 17.78 7.51
C ARG C 141 3.29 17.56 6.85
N GLU C 142 3.32 17.72 5.53
CA GLU C 142 4.55 17.50 4.78
C GLU C 142 5.60 18.54 5.14
N GLY C 143 6.82 18.07 5.42
CA GLY C 143 7.91 18.93 5.80
C GLY C 143 8.13 19.07 7.30
N THR C 144 7.27 18.47 8.12
CA THR C 144 7.40 18.53 9.57
C THR C 144 7.69 17.15 10.13
N THR C 145 8.18 17.12 11.37
CA THR C 145 8.41 15.89 12.11
C THR C 145 7.48 15.74 13.30
N LYS C 146 6.48 16.61 13.42
CA LYS C 146 5.48 16.55 14.46
C LYS C 146 4.11 16.27 13.85
N SER C 147 3.14 16.00 14.72
CA SER C 147 1.78 15.71 14.29
C SER C 147 0.80 16.46 15.17
N GLU C 148 -0.39 16.70 14.63
CA GLU C 148 -1.44 17.42 15.34
C GLU C 148 -2.65 16.51 15.48
N VAL C 149 -3.21 16.45 16.69
CA VAL C 149 -4.40 15.66 16.97
C VAL C 149 -5.62 16.59 16.96
N PHE C 150 -6.71 16.10 16.38
CA PHE C 150 -7.96 16.83 16.28
C PHE C 150 -9.06 15.97 16.88
N TYR C 151 -9.89 16.59 17.71
CA TYR C 151 -10.95 15.95 18.45
C TYR C 151 -12.32 16.42 17.94
N PRO C 152 -13.40 15.75 18.34
CA PRO C 152 -14.73 16.12 17.83
C PRO C 152 -15.04 17.59 18.05
N GLY C 153 -15.63 18.22 17.04
CA GLY C 153 -15.86 19.64 17.01
C GLY C 153 -14.86 20.43 16.20
N GLU C 154 -13.66 19.90 16.01
CA GLU C 154 -12.63 20.57 15.23
C GLU C 154 -12.80 20.29 13.74
N THR C 155 -12.18 21.15 12.93
CA THR C 155 -12.20 21.01 11.48
C THR C 155 -10.78 21.05 10.96
N VAL C 156 -10.43 20.06 10.14
CA VAL C 156 -9.13 19.98 9.50
C VAL C 156 -9.29 20.39 8.04
N VAL C 157 -8.57 21.43 7.64
CA VAL C 157 -8.60 21.93 6.27
C VAL C 157 -7.37 21.42 5.54
N HIS C 158 -7.57 20.91 4.33
CA HIS C 158 -6.52 20.36 3.48
C HIS C 158 -6.55 21.13 2.17
N GLY C 159 -5.54 21.97 1.95
CA GLY C 159 -5.51 22.85 0.82
C GLY C 159 -5.15 22.12 -0.47
N PRO C 160 -5.50 22.72 -1.61
CA PRO C 160 -5.15 22.11 -2.89
C PRO C 160 -3.64 22.08 -3.09
N GLY C 161 -3.14 20.92 -3.49
CA GLY C 161 -1.73 20.69 -3.65
C GLY C 161 -1.02 20.20 -2.41
N GLU C 162 -1.65 20.32 -1.24
CA GLU C 162 -1.05 19.83 0.00
C GLU C 162 -1.20 18.32 0.11
N ALA C 163 -0.24 17.69 0.78
CA ALA C 163 -0.26 16.25 1.00
C ALA C 163 0.20 15.97 2.42
N THR C 164 -0.63 15.28 3.18
CA THR C 164 -0.33 14.94 4.56
C THR C 164 -0.48 13.44 4.77
N ALA C 165 -0.06 12.99 5.94
CA ALA C 165 -0.34 11.63 6.41
C ALA C 165 -1.48 11.69 7.42
N VAL C 166 -2.43 10.80 7.28
CA VAL C 166 -3.65 10.85 8.09
C VAL C 166 -3.80 9.55 8.86
N GLU C 167 -4.36 9.67 10.05
CA GLU C 167 -4.64 8.52 10.91
C GLU C 167 -5.94 8.76 11.65
N TRP C 168 -6.88 7.82 11.54
CA TRP C 168 -8.12 7.84 12.31
C TRP C 168 -8.06 6.78 13.38
N GLY C 169 -8.41 7.17 14.61
CA GLY C 169 -8.55 6.22 15.69
C GLY C 169 -9.81 5.40 15.52
N PRO C 170 -10.00 4.42 16.39
CA PRO C 170 -11.21 3.58 16.29
C PRO C 170 -12.48 4.41 16.50
N ASN C 171 -13.50 4.08 15.70
CA ASN C 171 -14.80 4.75 15.76
C ASN C 171 -14.66 6.25 15.52
N THR C 172 -13.94 6.59 14.45
CA THR C 172 -13.79 7.97 14.01
C THR C 172 -14.83 8.27 12.94
N TRP C 173 -15.56 9.35 13.10
CA TRP C 173 -16.65 9.73 12.21
C TRP C 173 -16.63 11.24 12.03
N MET C 174 -16.77 11.68 10.78
CA MET C 174 -16.60 13.07 10.42
C MET C 174 -17.52 13.43 9.26
N VAL C 175 -17.76 14.73 9.13
CA VAL C 175 -18.45 15.31 7.98
C VAL C 175 -17.41 15.99 7.11
N GLU C 176 -17.58 15.90 5.79
CA GLU C 176 -16.56 16.42 4.88
C GLU C 176 -17.21 17.17 3.73
N TYR C 177 -16.67 18.36 3.46
CA TYR C 177 -17.04 19.17 2.31
C TYR C 177 -15.79 19.44 1.48
N GLY C 178 -15.88 19.18 0.18
CA GLY C 178 -14.76 19.39 -0.72
C GLY C 178 -15.16 20.26 -1.89
N ARG C 179 -14.21 21.10 -2.33
CA ARG C 179 -14.45 22.05 -3.40
C ARG C 179 -13.24 22.10 -4.32
N GLY C 180 -13.47 21.90 -5.61
CA GLY C 180 -12.40 21.93 -6.60
C GLY C 180 -12.75 20.99 -7.76
N VAL C 181 -11.70 20.46 -8.39
CA VAL C 181 -11.86 19.49 -9.47
C VAL C 181 -12.12 18.12 -8.86
N ILE C 182 -13.39 17.80 -8.64
CA ILE C 182 -13.74 16.57 -7.91
C ILE C 182 -13.34 15.32 -8.67
N PRO C 183 -13.46 15.23 -10.01
CA PRO C 183 -12.99 14.02 -10.69
C PRO C 183 -11.53 13.66 -10.41
N SER C 184 -10.66 14.67 -10.27
CA SER C 184 -9.28 14.38 -9.91
C SER C 184 -9.17 13.75 -8.54
N THR C 185 -10.05 14.15 -7.61
CA THR C 185 -10.07 13.53 -6.29
C THR C 185 -10.59 12.10 -6.37
N LEU C 186 -11.62 11.87 -7.18
CA LEU C 186 -12.14 10.52 -7.35
C LEU C 186 -11.10 9.60 -7.98
N ALA C 187 -10.22 10.14 -8.83
CA ALA C 187 -9.16 9.33 -9.41
C ALA C 187 -8.28 8.73 -8.32
N PHE C 188 -7.94 9.52 -7.29
CA PHE C 188 -7.18 8.98 -6.17
C PHE C 188 -8.05 8.08 -5.30
N ALA C 189 -9.33 8.43 -5.16
CA ALA C 189 -10.20 7.72 -4.23
C ALA C 189 -10.43 6.26 -4.59
N LEU C 190 -9.96 5.81 -5.76
CA LEU C 190 -10.19 4.44 -6.22
C LEU C 190 -8.89 3.73 -6.58
N ALA C 191 -7.75 4.20 -6.07
CA ALA C 191 -6.46 3.60 -6.40
C ALA C 191 -6.33 2.20 -5.81
N ASP C 192 -6.47 2.10 -4.48
CA ASP C 192 -6.38 0.79 -3.83
C ASP C 192 -7.52 -0.12 -4.25
N THR C 193 -8.68 0.45 -4.60
CA THR C 193 -9.80 -0.37 -5.04
C THR C 193 -9.47 -1.12 -6.32
N VAL C 194 -8.58 -0.58 -7.15
CA VAL C 194 -8.22 -1.18 -8.42
C VAL C 194 -6.93 -2.00 -8.32
N PHE C 195 -5.94 -1.52 -7.57
CA PHE C 195 -4.63 -2.14 -7.54
C PHE C 195 -4.30 -2.85 -6.23
N SER C 196 -5.27 -2.97 -5.31
CA SER C 196 -4.98 -3.57 -4.02
C SER C 196 -6.08 -4.53 -3.59
N THR C 197 -7.31 -4.03 -3.49
CA THR C 197 -8.42 -4.87 -3.07
C THR C 197 -9.10 -5.57 -4.24
N GLN C 198 -9.08 -4.97 -5.42
CA GLN C 198 -9.74 -5.51 -6.61
C GLN C 198 -11.21 -5.79 -6.34
N ASP C 199 -11.81 -4.99 -5.47
CA ASP C 199 -13.24 -5.09 -5.14
C ASP C 199 -14.00 -4.26 -6.16
N PHE C 200 -14.34 -4.89 -7.29
CA PHE C 200 -15.02 -4.17 -8.36
C PHE C 200 -16.43 -3.77 -7.96
N LEU C 201 -17.06 -4.49 -7.02
CA LEU C 201 -18.38 -4.10 -6.55
C LEU C 201 -18.33 -2.77 -5.78
N THR C 202 -17.29 -2.59 -4.97
CA THR C 202 -17.11 -1.31 -4.29
C THR C 202 -16.87 -0.18 -5.29
N LEU C 203 -16.07 -0.46 -6.33
CA LEU C 203 -15.87 0.51 -7.40
C LEU C 203 -17.20 0.90 -8.05
N PHE C 204 -18.06 -0.10 -8.32
CA PHE C 204 -19.35 0.20 -8.91
C PHE C 204 -20.21 1.03 -7.97
N TYR C 205 -20.23 0.68 -6.67
CA TYR C 205 -21.00 1.45 -5.71
C TYR C 205 -20.54 2.91 -5.70
N THR C 206 -19.23 3.13 -5.69
CA THR C 206 -18.68 4.48 -5.64
C THR C 206 -19.08 5.27 -6.89
N LEU C 207 -18.86 4.68 -8.07
CA LEU C 207 -19.19 5.38 -9.31
C LEU C 207 -20.70 5.62 -9.42
N ARG C 208 -21.52 4.70 -8.91
CA ARG C 208 -22.96 4.90 -8.96
C ARG C 208 -23.40 6.01 -8.02
N SER C 209 -22.75 6.13 -6.85
CA SER C 209 -23.03 7.26 -5.98
C SER C 209 -22.67 8.57 -6.65
N TYR C 210 -21.53 8.62 -7.35
CA TYR C 210 -21.18 9.83 -8.08
C TYR C 210 -22.21 10.14 -9.16
N ALA C 211 -22.65 9.11 -9.90
CA ALA C 211 -23.64 9.32 -10.95
C ALA C 211 -24.95 9.84 -10.38
N ARG C 212 -25.35 9.33 -9.21
CA ARG C 212 -26.60 9.78 -8.60
C ARG C 212 -26.50 11.23 -8.13
N GLY C 213 -25.36 11.59 -7.54
CA GLY C 213 -25.15 12.99 -7.15
C GLY C 213 -25.19 13.92 -8.35
N LEU C 214 -24.50 13.54 -9.43
CA LEU C 214 -24.49 14.36 -10.63
C LEU C 214 -25.90 14.46 -11.23
N ARG C 215 -26.67 13.37 -11.19
CA ARG C 215 -28.02 13.38 -11.73
C ARG C 215 -28.92 14.33 -10.94
N LEU C 216 -28.85 14.25 -9.61
CA LEU C 216 -29.63 15.17 -8.78
C LEU C 216 -29.24 16.61 -9.05
N GLU C 217 -27.94 16.89 -9.13
CA GLU C 217 -27.51 18.26 -9.40
C GLU C 217 -28.00 18.74 -10.75
N LEU C 218 -27.93 17.89 -11.78
CA LEU C 218 -28.38 18.27 -13.11
C LEU C 218 -29.88 18.54 -13.13
N THR C 219 -30.66 17.67 -12.47
CA THR C 219 -32.11 17.86 -12.44
C THR C 219 -32.48 19.16 -11.72
N THR C 220 -31.81 19.44 -10.59
CA THR C 220 -32.12 20.69 -9.87
C THR C 220 -31.69 21.91 -10.67
N TYR C 221 -30.56 21.82 -11.37
CA TYR C 221 -30.10 22.96 -12.17
C TYR C 221 -31.03 23.22 -13.34
N LEU C 222 -31.56 22.17 -13.96
CA LEU C 222 -32.40 22.36 -15.13
C LEU C 222 -33.84 22.69 -14.78
N PHE C 223 -34.35 22.21 -13.65
CA PHE C 223 -35.76 22.34 -13.34
C PHE C 223 -36.03 22.93 -11.95
N GLY C 224 -35.01 23.45 -11.29
CA GLY C 224 -35.24 24.10 -10.00
C GLY C 224 -35.72 23.15 -8.92
N GLN C 225 -36.17 23.75 -7.82
CA GLN C 225 -36.69 23.03 -6.66
C GLN C 225 -35.66 22.04 -6.12
C10 GKY D . -6.35 -15.44 3.43
C16 GKY D . -5.23 -19.90 -1.67
C26 GKY D . -4.98 -15.22 3.46
C01 GKY D . -12.07 -14.73 6.41
C02 GKY D . -11.84 -14.10 5.03
C03 GKY D . -10.54 -13.29 4.94
C05 GKY D . -8.56 -13.33 6.25
C06 GKY D . -9.35 -12.91 7.50
C07 GKY D . -8.96 -13.73 8.72
C08 GKY D . -8.66 -14.55 4.17
C09 GKY D . -7.21 -14.88 4.55
C11 GKY D . -6.90 -16.16 2.38
C12 GKY D . -6.08 -16.68 1.38
C14 GKY D . -6.34 -18.78 0.36
C15 GKY D . -6.53 -19.38 -1.05
C17 GKY D . -4.71 -21.13 -1.29
C18 GKY D . -3.54 -21.60 -1.85
C19 GKY D . -2.88 -20.84 -2.81
C20 GKY D . -3.39 -19.61 -3.18
C21 GKY D . -4.56 -19.14 -2.62
C22 GKY D . -4.71 -16.45 1.42
C24 GKY D . -2.70 -16.23 0.19
C25 GKY D . -4.15 -15.73 2.47
N04 GKY D . -9.40 -14.10 5.33
O13 GKY D . -6.64 -17.41 0.31
O23 GKY D . -3.88 -16.95 0.42
S SO4 E . 8.79 -29.25 -5.80
O1 SO4 E . 8.53 -30.01 -4.58
O2 SO4 E . 7.56 -28.62 -6.26
O3 SO4 E . 9.79 -28.22 -5.53
O4 SO4 E . 9.29 -30.15 -6.83
S SO4 F . -19.58 -29.81 5.83
O1 SO4 F . -20.64 -29.31 4.96
O2 SO4 F . -20.16 -30.21 7.11
O3 SO4 F . -18.58 -28.76 6.07
O4 SO4 F . -18.93 -30.96 5.20
S SO4 G . 0.72 -17.75 22.18
O1 SO4 G . 2.04 -18.15 22.67
O2 SO4 G . -0.20 -17.65 23.31
O3 SO4 G . 0.23 -18.74 21.23
O4 SO4 G . 0.83 -16.46 21.50
S SO4 H . 13.68 -24.29 -1.81
O1 SO4 H . 13.15 -25.59 -1.40
O2 SO4 H . 13.60 -23.36 -0.70
O3 SO4 H . 15.08 -24.45 -2.21
O4 SO4 H . 12.91 -23.78 -2.94
S SO4 I . -5.29 -33.79 24.13
O1 SO4 I . -5.82 -35.03 24.66
O2 SO4 I . -5.66 -32.68 25.00
O3 SO4 I . -3.84 -33.87 24.05
O4 SO4 I . -5.84 -33.55 22.79
S SO4 J . -26.86 -5.93 12.17
O1 SO4 J . -26.59 -7.11 12.98
O2 SO4 J . -26.58 -4.73 12.93
O3 SO4 J . -28.27 -5.94 11.77
O4 SO4 J . -26.02 -5.96 10.97
C1 GOL K . 4.92 -25.42 11.21
O1 GOL K . 4.14 -24.45 11.86
C2 GOL K . 5.51 -24.78 9.94
O2 GOL K . 4.48 -24.67 9.00
C3 GOL K . 6.63 -25.62 9.33
O3 GOL K . 7.22 -24.86 8.30
C24 OLC L . -15.34 -25.16 -8.34
C21 OLC L . -13.72 -24.23 -9.99
C1 OLC L . -12.21 -23.52 -11.66
C22 OLC L . -14.00 -25.39 -9.05
O19 OLC L . -12.62 -22.42 -11.51
O25 OLC L . -15.79 -26.37 -7.79
O23 OLC L . -14.05 -26.59 -9.78
O20 OLC L . -12.65 -24.57 -10.83
C24 OLC M . -16.88 -11.65 -5.98
C2 OLC M . -12.01 -11.41 -8.42
C21 OLC M . -15.53 -12.60 -7.82
C1 OLC M . -13.33 -12.20 -8.56
C22 OLC M . -16.84 -11.90 -7.48
O19 OLC M . -13.34 -13.27 -9.08
O25 OLC M . -17.92 -10.76 -5.64
O23 OLC M . -16.96 -10.71 -8.19
O20 OLC M . -14.53 -11.65 -8.07
C24 OLC N . -20.55 -23.86 1.59
C21 OLC N . -20.11 -22.19 -0.24
C1 OLC N . -19.99 -20.57 -1.94
C22 OLC N . -21.17 -23.08 0.43
O19 OLC N . -18.91 -20.97 -2.18
O25 OLC N . -21.46 -24.84 2.00
O23 OLC N . -22.22 -22.29 0.93
O20 OLC N . -20.73 -21.12 -0.89
C10 GKY O . 13.76 3.52 2.31
C16 GKY O . 16.79 6.00 -3.20
C26 GKY O . 13.10 4.73 2.30
C01 GKY O . 13.23 -0.01 7.74
C02 GKY O . 13.32 1.19 6.79
C03 GKY O . 12.74 0.86 5.42
C05 GKY O . 13.62 -1.02 4.29
C06 GKY O . 14.72 -1.81 4.99
C07 GKY O . 14.17 -3.04 5.73
C08 GKY O . 13.72 1.14 3.26
C09 GKY O . 13.67 2.64 3.55
C11 GKY O . 14.47 3.10 1.19
C12 GKY O . 14.54 3.92 0.07
C14 GKY O . 16.40 4.24 -1.37
C15 GKY O . 16.37 4.57 -2.86
C17 GKY O . 17.99 6.22 -3.86
C18 GKY O . 18.38 7.51 -4.16
C19 GKY O . 17.58 8.59 -3.80
C20 GKY O . 16.38 8.36 -3.15
C21 GKY O . 15.99 7.07 -2.85
C22 GKY O . 13.88 5.14 0.07
C24 GKY O . 12.69 6.53 -1.41
C25 GKY O . 13.17 5.55 1.19
N04 GKY O . 13.79 0.41 4.53
O13 GKY O . 15.26 3.49 -1.06
O23 GKY O . 13.92 5.98 -1.05
S SO4 P . 18.03 21.93 -9.40
O1 SO4 P . 16.78 22.51 -8.90
O2 SO4 P . 19.13 22.42 -8.59
O3 SO4 P . 18.22 22.32 -10.79
O4 SO4 P . 17.96 20.48 -9.30
S SO4 Q . 11.33 23.89 -5.12
O1 SO4 Q . 10.71 22.77 -4.43
O2 SO4 Q . 10.62 25.12 -4.77
O3 SO4 Q . 12.74 23.99 -4.70
O4 SO4 Q . 11.27 23.68 -6.56
S SO4 R . 33.83 -1.36 4.36
O1 SO4 R . 35.03 -1.72 5.11
O2 SO4 R . 32.80 -0.92 5.28
O3 SO4 R . 33.34 -2.53 3.62
O4 SO4 R . 34.14 -0.29 3.41
S SO4 S . 12.08 12.72 20.87
O1 SO4 S . 11.41 11.47 20.55
O2 SO4 S . 11.57 13.23 22.14
O3 SO4 S . 13.52 12.49 20.98
O4 SO4 S . 11.81 13.69 19.82
S SO4 T . -1.91 0.16 9.72
O1 SO4 T . -1.64 1.55 10.07
O2 SO4 T . -3.29 -0.18 10.07
O3 SO4 T . -1.00 -0.72 10.44
O4 SO4 T . -1.72 -0.02 8.28
C1 GOL U . 17.11 18.36 9.18
O1 GOL U . 16.08 18.49 10.10
C2 GOL U . 16.55 18.71 7.79
O2 GOL U . 15.25 18.19 7.74
C3 GOL U . 16.45 20.20 7.52
O3 GOL U . 15.82 20.36 6.28
C10 GKY V . -12.86 11.08 0.64
C16 GKY V . -16.88 11.37 -4.60
C26 GKY V . -12.98 9.71 0.69
C01 GKY V . -7.74 11.54 4.32
C02 GKY V . -9.10 12.22 4.47
C03 GKY V . -10.04 11.96 3.30
C05 GKY V . -9.13 13.69 1.95
C06 GKY V . -8.86 15.12 2.39
C07 GKY V . -7.37 15.41 2.36
C08 GKY V . -11.19 12.79 1.40
C09 GKY V . -12.30 11.83 1.84
C11 GKY V . -13.23 11.78 -0.50
C12 GKY V . -13.74 11.10 -1.59
C14 GKY V . -15.45 12.24 -2.73
C15 GKY V . -15.94 12.48 -4.16
C17 GKY V . -18.15 11.65 -5.07
C18 GKY V . -18.98 10.61 -5.46
C19 GKY V . -18.55 9.30 -5.38
C20 GKY V . -17.29 9.03 -4.91
C21 GKY V . -16.45 10.05 -4.52
C22 GKY V . -13.87 9.72 -1.54
C24 GKY V . -14.63 7.67 -2.41
C25 GKY V . -13.50 9.02 -0.39
N04 GKY V . -10.34 13.16 2.53
O13 GKY V . -14.11 11.81 -2.75
O23 GKY V . -14.37 9.02 -2.64
S SO4 W . -30.12 3.95 -9.98
O1 SO4 W . -30.18 2.57 -9.51
O2 SO4 W . -30.59 4.85 -8.92
O3 SO4 W . -28.74 4.29 -10.33
O4 SO4 W . -30.97 4.10 -11.16
S SO4 X . -17.99 31.53 -0.76
O1 SO4 X . -17.71 31.06 0.59
O2 SO4 X . -18.42 32.93 -0.71
O3 SO4 X . -16.78 31.42 -1.56
O4 SO4 X . -19.04 30.71 -1.35
S SO4 Y . -29.84 -2.40 -5.88
O1 SO4 Y . -30.31 -3.57 -5.12
O2 SO4 Y . -30.22 -1.18 -5.19
O3 SO4 Y . -28.38 -2.46 -6.00
O4 SO4 Y . -30.44 -2.42 -7.21
C1 GOL Z . -27.70 6.63 6.78
O1 GOL Z . -26.40 6.87 7.23
C2 GOL Z . -27.81 5.24 6.16
O2 GOL Z . -26.66 5.03 5.40
C3 GOL Z . -29.04 5.09 5.28
O3 GOL Z . -29.20 3.72 4.98
C24 OLC AA . -14.01 22.91 -11.60
C21 OLC AA . -14.04 21.01 -13.22
C1 OLC AA . -14.02 18.94 -14.36
C22 OLC AA . -14.85 21.78 -12.20
O19 OLC AA . -12.87 19.12 -14.57
O25 OLC AA . -14.63 23.39 -10.43
O23 OLC AA . -16.00 22.33 -12.82
O20 OLC AA . -14.78 19.93 -13.71
C24 OLC BA . -19.29 23.03 -14.01
C21 OLC BA . -20.37 22.53 -16.23
C1 OLC BA . -21.20 21.55 -18.21
C22 OLC BA . -20.59 22.58 -14.71
O19 OLC BA . -20.76 22.47 -18.81
O25 OLC BA . -19.50 23.06 -12.63
O23 OLC BA . -21.60 23.50 -14.41
O20 OLC BA . -21.14 21.51 -16.80
C24 OLC CA . -23.22 20.71 -11.49
C2 OLC CA . -22.98 15.91 -15.23
C21 OLC CA . -23.09 18.80 -13.11
C1 OLC CA . -23.35 17.37 -14.95
C22 OLC CA . -23.99 19.55 -12.14
O19 OLC CA . -23.28 18.18 -15.82
O25 OLC CA . -24.12 21.67 -11.00
O23 OLC CA . -25.09 20.05 -12.85
O20 OLC CA . -23.81 17.75 -13.68
C24 OLC DA . -22.47 27.27 -14.37
C2 OLC DA . -19.58 25.47 -19.00
C21 OLC DA . -21.54 27.60 -16.69
C1 OLC DA . -20.48 26.64 -18.59
C22 OLC DA . -21.28 27.79 -15.19
O19 OLC DA . -21.32 27.03 -19.35
O25 OLC DA . -22.25 27.54 -13.03
O23 OLC DA . -20.15 27.08 -14.81
O20 OLC DA . -20.34 27.25 -17.34
C24 OLC EA . -9.76 26.42 -3.18
C21 OLC EA . -9.10 24.91 -5.04
C1 OLC EA . -8.44 24.62 -7.29
C22 OLC EA . -10.28 25.47 -4.26
O19 OLC EA . -7.31 24.63 -6.93
O25 OLC EA . -10.84 26.93 -2.43
O23 OLC EA . -11.12 26.16 -5.15
O20 OLC EA . -9.49 24.65 -6.37
#